data_5MLW
#
_entry.id   5MLW
#
_cell.length_a   84.631
_cell.length_b   84.631
_cell.length_c   201.770
_cell.angle_alpha   90.00
_cell.angle_beta   90.00
_cell.angle_gamma   120.00
#
_symmetry.space_group_name_H-M   'P 31 2 1'
#
loop_
_entity.id
_entity.type
_entity.pdbx_description
1 polymer 'Proliferating cell nuclear antigen'
2 polymer 'APIM motif peptide'
3 non-polymer 'SULFATE ION'
4 water water
#
loop_
_entity_poly.entity_id
_entity_poly.type
_entity_poly.pdbx_seq_one_letter_code
_entity_poly.pdbx_strand_id
1 'polypeptide(L)'
;MFEARLVQGSILKKVLEALKDLINEACWDISSSGVNLQSMDSSHVSLVQLTLRSEGFDTYRCDRNLAMGVNLTSMSKILK
CAGNEDIITLRAEDNADTLALVFEAPNQEKVSDYEMKLMDLDVEQLGIPEQEYSCVVKMPSGEFARICRDLSHIGDAVVI
SCAKDGVKFSASGELGNGNIKLSQTSNVDKEEEAVTIEMNEPVQLTFALRYLNFFTKATPLSSTVTLSMSADVPLVVEYK
IADMGHLKYYLAPKIEDEEGS
;
A,C,E
2 'polypeptide(L)' GSDITRFLVKK B,D,F
#
loop_
_chem_comp.id
_chem_comp.type
_chem_comp.name
_chem_comp.formula
SO4 non-polymer 'SULFATE ION' 'O4 S -2'
#
# COMPACT_ATOMS: atom_id res chain seq x y z
N MET A 1 -1.51 -42.89 -0.59
CA MET A 1 -1.62 -42.25 0.74
C MET A 1 -0.35 -41.57 1.13
N PHE A 2 -0.62 -40.31 1.52
CA PHE A 2 0.36 -39.30 1.66
C PHE A 2 -0.12 -38.22 2.66
N GLU A 3 0.76 -37.87 3.59
CA GLU A 3 0.40 -37.09 4.73
C GLU A 3 1.68 -36.46 5.26
N ALA A 4 1.71 -35.14 5.22
CA ALA A 4 2.84 -34.34 5.67
C ALA A 4 2.38 -33.18 6.53
N ARG A 5 2.84 -33.15 7.78
CA ARG A 5 2.42 -32.11 8.71
C ARG A 5 3.62 -31.18 8.84
N LEU A 6 3.37 -29.88 8.76
CA LEU A 6 4.38 -28.87 8.89
C LEU A 6 3.89 -27.85 9.91
N VAL A 7 4.58 -27.77 11.03
CA VAL A 7 4.23 -26.84 12.10
C VAL A 7 4.43 -25.38 11.69
N GLN A 8 5.60 -25.08 11.12
CA GLN A 8 5.87 -23.78 10.51
C GLN A 8 5.30 -23.76 9.08
N GLY A 9 3.99 -23.57 9.00
CA GLY A 9 3.27 -23.59 7.73
C GLY A 9 3.60 -22.43 6.85
N SER A 10 4.12 -21.35 7.44
CA SER A 10 4.54 -20.15 6.69
C SER A 10 5.53 -20.48 5.60
N ILE A 11 6.37 -21.45 5.90
CA ILE A 11 7.35 -21.90 4.93
C ILE A 11 6.68 -22.27 3.61
N LEU A 12 5.60 -23.01 3.72
CA LEU A 12 4.93 -23.50 2.52
C LEU A 12 4.20 -22.35 1.82
N LYS A 13 3.77 -21.39 2.61
CA LYS A 13 3.17 -20.19 2.05
C LYS A 13 4.14 -19.43 1.19
N LYS A 14 5.34 -19.25 1.71
CA LYS A 14 6.39 -18.61 0.96
C LYS A 14 6.84 -19.37 -0.27
N VAL A 15 7.03 -20.67 -0.14
CA VAL A 15 7.33 -21.50 -1.31
C VAL A 15 6.36 -21.28 -2.44
N LEU A 16 5.09 -21.31 -2.15
CA LEU A 16 4.10 -21.05 -3.21
C LEU A 16 4.04 -19.62 -3.77
N GLU A 17 4.20 -18.62 -2.90
CA GLU A 17 4.42 -17.25 -3.40
C GLU A 17 5.60 -17.24 -4.35
N ALA A 18 6.66 -17.93 -3.98
CA ALA A 18 7.86 -17.90 -4.80
C ALA A 18 7.75 -18.56 -6.20
N LEU A 19 6.74 -19.40 -6.41
CA LEU A 19 6.63 -20.22 -7.63
C LEU A 19 5.54 -19.77 -8.57
N LYS A 20 4.39 -19.40 -8.03
CA LYS A 20 3.22 -19.16 -8.84
C LYS A 20 3.40 -18.00 -9.85
N ASP A 21 4.33 -17.10 -9.59
CA ASP A 21 4.59 -16.00 -10.52
C ASP A 21 5.48 -16.43 -11.71
N LEU A 22 6.13 -17.58 -11.58
CA LEU A 22 6.95 -18.16 -12.64
C LEU A 22 6.26 -19.34 -13.38
N ILE A 23 5.50 -20.15 -12.64
CA ILE A 23 4.90 -21.42 -13.14
C ILE A 23 3.40 -21.44 -12.81
N ASN A 24 2.54 -21.76 -13.78
CA ASN A 24 1.09 -21.93 -13.54
CA ASN A 24 1.12 -21.90 -13.51
C ASN A 24 0.80 -23.29 -12.94
N GLU A 25 1.42 -24.32 -13.52
CA GLU A 25 1.12 -25.70 -13.17
C GLU A 25 2.39 -26.52 -13.13
N ALA A 26 2.52 -27.38 -12.13
CA ALA A 26 3.66 -28.29 -12.04
C ALA A 26 3.35 -29.63 -11.35
N CYS A 27 4.29 -30.57 -11.48
CA CYS A 27 4.22 -31.86 -10.83
C CYS A 27 4.93 -31.87 -9.52
N TRP A 28 4.21 -32.23 -8.47
CA TRP A 28 4.81 -32.51 -7.17
C TRP A 28 5.16 -34.01 -7.09
N ASP A 29 6.46 -34.32 -7.14
CA ASP A 29 6.95 -35.71 -7.00
C ASP A 29 7.15 -36.11 -5.56
N ILE A 30 6.25 -36.95 -5.06
CA ILE A 30 6.30 -37.35 -3.67
C ILE A 30 7.02 -38.68 -3.58
N SER A 31 7.77 -38.84 -2.51
CA SER A 31 8.35 -40.12 -2.17
C SER A 31 8.66 -40.13 -0.68
N SER A 32 9.30 -41.22 -0.26
CA SER A 32 9.59 -41.49 1.13
C SER A 32 10.61 -40.51 1.66
N SER A 33 11.42 -39.97 0.77
CA SER A 33 12.50 -39.07 1.15
C SER A 33 12.03 -37.61 1.09
N GLY A 34 10.96 -37.34 0.34
CA GLY A 34 10.21 -36.12 0.49
C GLY A 34 9.61 -35.61 -0.79
N VAL A 35 9.57 -34.29 -0.90
CA VAL A 35 8.91 -33.62 -2.00
C VAL A 35 9.96 -33.01 -2.93
N ASN A 36 9.78 -33.29 -4.22
CA ASN A 36 10.62 -32.76 -5.26
CA ASN A 36 10.65 -32.75 -5.28
C ASN A 36 9.76 -32.21 -6.39
N LEU A 37 10.08 -31.00 -6.84
CA LEU A 37 9.32 -30.39 -7.89
C LEU A 37 10.35 -29.80 -8.80
N GLN A 38 10.14 -29.93 -10.10
CA GLN A 38 11.08 -29.42 -11.09
C GLN A 38 10.38 -29.03 -12.38
N SER A 39 10.56 -27.79 -12.83
CA SER A 39 9.72 -27.29 -13.92
C SER A 39 10.30 -26.07 -14.63
N MET A 40 10.09 -26.01 -15.94
CA MET A 40 10.40 -24.84 -16.76
C MET A 40 9.25 -23.90 -16.72
N ASP A 41 9.55 -22.62 -16.84
CA ASP A 41 8.50 -21.63 -17.09
C ASP A 41 7.99 -21.86 -18.51
N SER A 42 6.84 -21.29 -18.85
CA SER A 42 6.21 -21.55 -20.15
C SER A 42 6.92 -20.92 -21.38
N SER A 43 7.86 -20.02 -21.16
CA SER A 43 8.68 -19.49 -22.26
C SER A 43 10.02 -20.20 -22.36
N HIS A 44 10.26 -21.19 -21.51
CA HIS A 44 11.41 -22.10 -21.66
C HIS A 44 12.71 -21.32 -21.61
N VAL A 45 12.77 -20.41 -20.66
CA VAL A 45 13.93 -19.59 -20.42
C VAL A 45 14.62 -20.04 -19.14
N SER A 46 13.84 -20.56 -18.22
CA SER A 46 14.32 -20.86 -16.89
C SER A 46 13.81 -22.19 -16.43
N LEU A 47 14.42 -22.69 -15.38
CA LEU A 47 13.93 -23.89 -14.71
C LEU A 47 13.94 -23.66 -13.20
N VAL A 48 12.94 -24.20 -12.52
CA VAL A 48 12.91 -24.14 -11.06
C VAL A 48 12.89 -25.54 -10.49
N GLN A 49 13.64 -25.70 -9.41
CA GLN A 49 13.79 -26.98 -8.76
C GLN A 49 13.61 -26.81 -7.26
N LEU A 50 12.60 -27.50 -6.72
CA LEU A 50 12.33 -27.50 -5.30
C LEU A 50 12.57 -28.86 -4.60
N THR A 51 13.20 -28.82 -3.44
CA THR A 51 13.45 -30.00 -2.64
C THR A 51 13.02 -29.75 -1.23
N LEU A 52 12.11 -30.61 -0.73
CA LEU A 52 11.71 -30.58 0.67
C LEU A 52 11.82 -31.98 1.22
N ARG A 53 12.84 -32.17 2.05
CA ARG A 53 13.09 -33.46 2.67
C ARG A 53 12.02 -33.83 3.70
N SER A 54 11.72 -35.11 3.75
CA SER A 54 10.69 -35.63 4.65
C SER A 54 11.05 -35.31 6.09
N GLU A 55 12.35 -35.40 6.38
CA GLU A 55 12.80 -35.22 7.75
CA GLU A 55 12.81 -35.22 7.74
C GLU A 55 12.60 -33.81 8.24
N GLY A 56 12.35 -32.86 7.33
CA GLY A 56 12.06 -31.50 7.72
C GLY A 56 10.63 -31.25 8.14
N PHE A 57 9.75 -32.17 7.81
CA PHE A 57 8.41 -32.17 8.28
C PHE A 57 8.29 -32.73 9.69
N ASP A 58 7.20 -32.38 10.36
CA ASP A 58 7.00 -32.78 11.76
C ASP A 58 6.45 -34.23 11.85
N THR A 59 5.62 -34.62 10.88
CA THR A 59 5.40 -36.03 10.52
C THR A 59 5.21 -36.12 9.00
N TYR A 60 5.54 -37.27 8.45
CA TYR A 60 5.63 -37.46 7.01
C TYR A 60 5.44 -38.91 6.63
N ARG A 61 4.44 -39.15 5.81
CA ARG A 61 4.11 -40.47 5.41
C ARG A 61 3.91 -40.43 3.92
N CYS A 62 4.63 -41.28 3.20
CA CYS A 62 4.37 -41.44 1.79
C CYS A 62 4.56 -42.92 1.43
N ASP A 63 3.46 -43.59 1.17
CA ASP A 63 3.46 -45.04 1.06
C ASP A 63 3.86 -45.41 -0.33
N ARG A 64 3.50 -44.57 -1.29
CA ARG A 64 3.95 -44.80 -2.65
C ARG A 64 4.38 -43.50 -3.40
N ASN A 65 5.25 -43.72 -4.38
CA ASN A 65 5.85 -42.67 -5.16
C ASN A 65 4.91 -42.12 -6.22
N LEU A 66 4.78 -40.79 -6.24
CA LEU A 66 3.61 -40.14 -6.85
CA LEU A 66 3.62 -40.15 -6.84
C LEU A 66 3.98 -38.85 -7.53
N ALA A 67 3.39 -38.63 -8.71
CA ALA A 67 3.46 -37.38 -9.44
C ALA A 67 2.10 -36.65 -9.44
N MET A 68 1.87 -35.79 -8.45
CA MET A 68 0.64 -34.99 -8.37
C MET A 68 0.74 -33.76 -9.22
N GLY A 69 -0.23 -33.56 -10.10
CA GLY A 69 -0.27 -32.39 -10.94
C GLY A 69 -1.07 -31.31 -10.25
N VAL A 70 -0.44 -30.16 -10.06
CA VAL A 70 -1.02 -29.06 -9.27
C VAL A 70 -1.06 -27.77 -10.04
N ASN A 71 -2.23 -27.16 -10.07
CA ASN A 71 -2.31 -25.73 -10.34
C ASN A 71 -1.68 -24.97 -9.19
N LEU A 72 -0.52 -24.34 -9.44
CA LEU A 72 0.17 -23.61 -8.38
C LEU A 72 -0.52 -22.33 -8.00
N THR A 73 -1.24 -21.76 -8.95
CA THR A 73 -1.96 -20.54 -8.72
C THR A 73 -3.08 -20.86 -7.74
N SER A 74 -3.87 -21.87 -8.05
CA SER A 74 -4.89 -22.34 -7.12
C SER A 74 -4.30 -22.65 -5.74
N MET A 75 -3.22 -23.40 -5.71
CA MET A 75 -2.69 -23.83 -4.41
C MET A 75 -2.25 -22.64 -3.60
N SER A 76 -1.60 -21.67 -4.25
CA SER A 76 -1.24 -20.40 -3.57
C SER A 76 -2.42 -19.60 -3.00
N LYS A 77 -3.50 -19.55 -3.76
CA LYS A 77 -4.74 -18.93 -3.28
C LYS A 77 -5.27 -19.62 -2.05
N ILE A 78 -5.24 -20.94 -2.02
CA ILE A 78 -5.76 -21.67 -0.86
C ILE A 78 -4.85 -21.39 0.33
N LEU A 79 -3.54 -21.42 0.10
CA LEU A 79 -2.60 -21.14 1.18
C LEU A 79 -2.71 -19.72 1.74
N LYS A 80 -3.29 -18.78 1.00
CA LYS A 80 -3.65 -17.47 1.59
C LYS A 80 -4.76 -17.52 2.62
N CYS A 81 -5.66 -18.48 2.53
CA CYS A 81 -6.58 -18.77 3.64
C CYS A 81 -5.95 -19.44 4.85
N ALA A 82 -4.63 -19.49 4.92
CA ALA A 82 -3.96 -20.00 6.12
C ALA A 82 -3.27 -18.85 6.84
N GLY A 83 -3.47 -18.80 8.16
CA GLY A 83 -2.74 -17.89 9.04
C GLY A 83 -1.25 -18.19 8.95
N ASN A 84 -0.44 -17.16 9.18
CA ASN A 84 1.01 -17.31 9.17
C ASN A 84 1.58 -18.11 10.34
N GLU A 85 0.72 -18.40 11.32
CA GLU A 85 1.10 -19.18 12.50
CA GLU A 85 1.09 -19.17 12.50
C GLU A 85 0.32 -20.51 12.52
N ASP A 86 -0.36 -20.85 11.43
CA ASP A 86 -1.22 -22.05 11.43
C ASP A 86 -0.35 -23.28 11.28
N ILE A 87 -0.83 -24.42 11.75
CA ILE A 87 -0.22 -25.71 11.40
C ILE A 87 -0.84 -26.21 10.14
N ILE A 88 -0.01 -26.66 9.21
CA ILE A 88 -0.49 -27.09 7.91
C ILE A 88 -0.20 -28.53 7.63
N THR A 89 -1.25 -29.21 7.16
CA THR A 89 -1.17 -30.62 6.81
C THR A 89 -1.67 -30.81 5.38
N LEU A 90 -0.85 -31.50 4.57
CA LEU A 90 -1.25 -31.95 3.24
C LEU A 90 -1.67 -33.41 3.32
N ARG A 91 -2.68 -33.78 2.57
CA ARG A 91 -3.17 -35.14 2.59
C ARG A 91 -3.73 -35.51 1.22
N ALA A 92 -3.25 -36.64 0.70
CA ALA A 92 -3.83 -37.23 -0.49
C ALA A 92 -4.18 -38.65 -0.14
N GLU A 93 -5.43 -39.06 -0.38
CA GLU A 93 -5.81 -40.49 -0.19
C GLU A 93 -5.25 -41.31 -1.34
N ASP A 94 -5.25 -42.63 -1.15
CA ASP A 94 -4.95 -43.56 -2.22
C ASP A 94 -5.91 -43.25 -3.35
N ASN A 95 -5.39 -43.17 -4.57
CA ASN A 95 -6.23 -43.09 -5.78
C ASN A 95 -7.04 -41.81 -5.96
N ALA A 96 -6.80 -40.79 -5.13
CA ALA A 96 -7.57 -39.54 -5.18
C ALA A 96 -7.11 -38.57 -6.28
N ASP A 97 -8.06 -37.82 -6.83
CA ASP A 97 -7.84 -36.69 -7.75
C ASP A 97 -7.90 -35.34 -7.01
N THR A 98 -7.79 -35.38 -5.70
CA THR A 98 -7.77 -34.16 -4.92
C THR A 98 -6.71 -34.17 -3.85
N LEU A 99 -6.13 -33.00 -3.61
CA LEU A 99 -5.23 -32.79 -2.50
C LEU A 99 -5.96 -32.02 -1.42
N ALA A 100 -5.94 -32.56 -0.21
CA ALA A 100 -6.49 -31.87 0.94
C ALA A 100 -5.41 -30.99 1.62
N LEU A 101 -5.76 -29.75 1.94
CA LEU A 101 -4.94 -28.92 2.81
C LEU A 101 -5.68 -28.57 4.06
N VAL A 102 -5.10 -28.84 5.21
CA VAL A 102 -5.79 -28.66 6.47
C VAL A 102 -4.99 -27.70 7.32
N PHE A 103 -5.66 -26.62 7.75
CA PHE A 103 -5.03 -25.52 8.53
C PHE A 103 -5.57 -25.48 9.94
N GLU A 104 -4.71 -25.70 10.93
CA GLU A 104 -5.10 -25.66 12.34
C GLU A 104 -4.58 -24.34 12.97
N ALA A 105 -5.48 -23.57 13.55
CA ALA A 105 -5.09 -22.29 14.15
C ALA A 105 -4.42 -22.49 15.49
N PRO A 106 -3.49 -21.58 15.86
CA PRO A 106 -2.84 -21.67 17.18
C PRO A 106 -3.83 -21.78 18.36
N ASN A 107 -4.94 -21.04 18.31
CA ASN A 107 -5.94 -21.12 19.38
C ASN A 107 -6.71 -22.46 19.46
N GLN A 108 -6.54 -23.35 18.49
CA GLN A 108 -7.09 -24.74 18.53
C GLN A 108 -8.58 -24.85 18.18
N GLU A 109 -9.27 -23.71 18.15
CA GLU A 109 -10.71 -23.71 18.01
C GLU A 109 -11.13 -23.58 16.56
N LYS A 110 -10.20 -23.19 15.71
CA LYS A 110 -10.45 -23.08 14.28
C LYS A 110 -9.66 -24.15 13.48
N VAL A 111 -10.38 -24.94 12.69
CA VAL A 111 -9.78 -25.80 11.70
C VAL A 111 -10.42 -25.61 10.35
N SER A 112 -9.60 -25.40 9.35
CA SER A 112 -10.05 -25.21 7.97
C SER A 112 -9.64 -26.42 7.15
N ASP A 113 -10.49 -26.81 6.22
CA ASP A 113 -10.22 -27.92 5.32
CA ASP A 113 -10.21 -27.93 5.31
C ASP A 113 -10.45 -27.45 3.89
N TYR A 114 -9.43 -27.49 3.05
CA TYR A 114 -9.62 -27.16 1.63
C TYR A 114 -9.28 -28.34 0.75
N GLU A 115 -10.17 -28.67 -0.18
CA GLU A 115 -9.90 -29.76 -1.13
C GLU A 115 -9.65 -29.15 -2.49
N MET A 116 -8.44 -29.28 -2.96
CA MET A 116 -8.07 -28.79 -4.26
C MET A 116 -8.14 -29.92 -5.31
N LYS A 117 -8.75 -29.67 -6.45
CA LYS A 117 -8.70 -30.60 -7.58
C LYS A 117 -7.29 -30.72 -8.15
N LEU A 118 -6.88 -31.93 -8.53
CA LEU A 118 -5.59 -32.12 -9.18
C LEU A 118 -5.73 -32.08 -10.68
N MET A 119 -4.63 -32.12 -11.39
CA MET A 119 -4.73 -32.23 -12.83
C MET A 119 -3.68 -33.18 -13.37
N ASP A 120 -3.91 -33.66 -14.58
CA ASP A 120 -3.00 -34.59 -15.21
C ASP A 120 -2.04 -33.80 -16.08
N LEU A 121 -0.75 -33.88 -15.73
CA LEU A 121 0.31 -33.22 -16.50
C LEU A 121 1.27 -34.27 -17.04
N ASP A 122 1.77 -34.06 -18.26
CA ASP A 122 2.67 -35.04 -18.89
C ASP A 122 4.13 -34.64 -18.75
N VAL A 123 4.55 -34.27 -17.55
CA VAL A 123 5.90 -33.71 -17.36
C VAL A 123 6.89 -34.85 -17.19
N GLU A 124 7.41 -35.32 -18.31
CA GLU A 124 8.66 -36.07 -18.29
C GLU A 124 9.76 -35.07 -17.97
N GLN A 125 10.20 -35.09 -16.71
CA GLN A 125 11.10 -34.08 -16.19
C GLN A 125 12.55 -34.29 -16.61
N LEU A 126 13.08 -33.26 -17.29
CA LEU A 126 14.50 -33.14 -17.54
C LEU A 126 15.03 -32.10 -16.55
N GLY A 127 16.33 -32.11 -16.31
CA GLY A 127 16.96 -31.22 -15.35
C GLY A 127 18.31 -30.79 -15.80
N ILE A 128 18.89 -29.85 -15.08
CA ILE A 128 20.28 -29.48 -15.30
C ILE A 128 21.18 -30.46 -14.56
N PRO A 129 22.17 -31.02 -15.27
CA PRO A 129 23.06 -31.93 -14.59
C PRO A 129 23.95 -31.18 -13.60
N GLU A 130 24.29 -31.84 -12.50
CA GLU A 130 25.13 -31.25 -11.46
C GLU A 130 26.55 -30.96 -12.02
N GLN A 131 27.18 -29.94 -11.49
CA GLN A 131 28.51 -29.56 -11.92
C GLN A 131 29.13 -28.56 -10.95
N GLU A 132 30.42 -28.27 -11.15
CA GLU A 132 31.11 -27.23 -10.39
C GLU A 132 31.24 -25.99 -11.25
N TYR A 133 31.16 -24.84 -10.62
CA TYR A 133 31.04 -23.61 -11.36
C TYR A 133 32.31 -22.77 -11.17
N SER A 134 32.69 -22.08 -12.23
CA SER A 134 33.77 -21.10 -12.18
C SER A 134 33.61 -20.10 -11.03
N CYS A 135 32.39 -19.62 -10.84
CA CYS A 135 32.12 -18.59 -9.85
C CYS A 135 30.94 -18.88 -8.95
N VAL A 136 31.12 -18.70 -7.66
CA VAL A 136 30.07 -18.90 -6.68
C VAL A 136 30.06 -17.74 -5.70
N VAL A 137 28.91 -17.05 -5.62
CA VAL A 137 28.79 -15.85 -4.80
C VAL A 137 27.71 -16.09 -3.76
N LYS A 138 28.04 -15.89 -2.50
CA LYS A 138 27.06 -15.96 -1.43
C LYS A 138 26.89 -14.57 -0.82
N MET A 139 25.64 -14.14 -0.67
CA MET A 139 25.35 -12.75 -0.26
C MET A 139 23.97 -12.63 0.36
N PRO A 140 23.70 -11.50 1.02
CA PRO A 140 22.38 -11.38 1.67
C PRO A 140 21.30 -11.36 0.62
N SER A 141 20.25 -12.13 0.86
CA SER A 141 19.21 -12.28 -0.14
C SER A 141 18.57 -10.94 -0.48
N GLY A 142 18.41 -10.09 0.52
CA GLY A 142 17.78 -8.78 0.33
C GLY A 142 18.60 -7.81 -0.49
N GLU A 143 19.90 -7.82 -0.28
CA GLU A 143 20.83 -7.11 -1.15
C GLU A 143 20.74 -7.55 -2.62
N PHE A 144 20.73 -8.85 -2.88
CA PHE A 144 20.55 -9.31 -4.26
C PHE A 144 19.25 -8.81 -4.88
N ALA A 145 18.14 -8.89 -4.12
CA ALA A 145 16.84 -8.51 -4.62
C ALA A 145 16.83 -7.01 -4.96
N ARG A 146 17.48 -6.21 -4.12
CA ARG A 146 17.55 -4.76 -4.37
C ARG A 146 18.38 -4.40 -5.64
N ILE A 147 19.47 -5.14 -5.84
CA ILE A 147 20.27 -5.04 -7.06
C ILE A 147 19.45 -5.31 -8.30
N CYS A 148 18.78 -6.45 -8.34
CA CYS A 148 17.96 -6.77 -9.51
C CYS A 148 16.86 -5.73 -9.70
N ARG A 149 16.28 -5.26 -8.59
CA ARG A 149 15.19 -4.32 -8.66
CA ARG A 149 15.18 -4.31 -8.65
C ARG A 149 15.69 -2.98 -9.22
N ASP A 150 16.74 -2.43 -8.60
CA ASP A 150 17.42 -1.19 -9.12
C ASP A 150 17.75 -1.28 -10.61
N LEU A 151 18.45 -2.33 -11.03
CA LEU A 151 18.95 -2.36 -12.41
C LEU A 151 17.83 -2.56 -13.42
N SER A 152 16.69 -3.07 -12.96
CA SER A 152 15.58 -3.30 -13.87
C SER A 152 14.89 -2.01 -14.24
N HIS A 153 15.23 -0.93 -13.54
CA HIS A 153 14.83 0.41 -13.94
C HIS A 153 15.73 1.08 -14.96
N ILE A 154 16.85 0.46 -15.23
CA ILE A 154 17.78 0.97 -16.19
C ILE A 154 17.64 0.24 -17.51
N GLY A 155 17.54 -1.08 -17.48
CA GLY A 155 17.48 -1.86 -18.72
C GLY A 155 16.83 -3.19 -18.42
N ASP A 156 16.59 -3.99 -19.45
CA ASP A 156 16.01 -5.31 -19.27
C ASP A 156 17.02 -6.44 -19.14
N ALA A 157 18.29 -6.14 -19.29
CA ALA A 157 19.37 -7.14 -19.23
C ALA A 157 20.43 -6.72 -18.25
N VAL A 158 21.01 -7.66 -17.55
CA VAL A 158 22.09 -7.37 -16.62
C VAL A 158 23.31 -8.15 -17.04
N VAL A 159 24.43 -7.46 -17.20
CA VAL A 159 25.70 -8.16 -17.39
C VAL A 159 26.28 -8.44 -16.02
N ILE A 160 26.51 -9.70 -15.71
CA ILE A 160 27.24 -10.04 -14.50
C ILE A 160 28.68 -10.44 -14.80
N SER A 161 29.60 -9.65 -14.25
CA SER A 161 31.06 -9.85 -14.38
C SER A 161 31.65 -10.23 -13.05
N CYS A 162 32.23 -11.42 -12.98
CA CYS A 162 32.88 -11.87 -11.78
C CYS A 162 34.40 -11.89 -12.01
N ALA A 163 35.11 -11.01 -11.31
CA ALA A 163 36.56 -11.13 -11.09
C ALA A 163 36.79 -11.55 -9.62
N LYS A 164 37.99 -11.32 -9.09
CA LYS A 164 38.39 -11.97 -7.81
C LYS A 164 38.15 -11.08 -6.60
N ASP A 165 38.60 -9.83 -6.70
CA ASP A 165 38.21 -8.78 -5.74
C ASP A 165 36.72 -8.88 -5.34
N GLY A 166 35.88 -9.08 -6.36
CA GLY A 166 34.47 -8.75 -6.29
C GLY A 166 33.69 -9.07 -7.55
N VAL A 167 32.43 -8.65 -7.56
CA VAL A 167 31.51 -8.95 -8.64
C VAL A 167 30.75 -7.70 -9.01
N LYS A 168 30.43 -7.58 -10.30
CA LYS A 168 29.84 -6.36 -10.81
C LYS A 168 28.58 -6.69 -11.61
N PHE A 169 27.56 -5.88 -11.43
CA PHE A 169 26.30 -6.03 -12.15
C PHE A 169 26.04 -4.76 -12.92
N SER A 170 25.76 -4.88 -14.21
CA SER A 170 25.51 -3.67 -14.96
C SER A 170 24.40 -3.76 -15.98
N ALA A 171 23.80 -2.62 -16.25
CA ALA A 171 22.73 -2.58 -17.22
C ALA A 171 22.72 -1.25 -17.96
N SER A 172 21.89 -1.21 -18.99
CA SER A 172 21.91 -0.15 -19.95
C SER A 172 20.57 0.00 -20.68
N GLY A 173 20.13 1.24 -20.86
CA GLY A 173 18.91 1.48 -21.62
C GLY A 173 18.67 2.94 -21.96
N GLU A 174 17.43 3.27 -22.30
CA GLU A 174 17.03 4.64 -22.70
C GLU A 174 17.71 5.72 -21.89
N LEU A 175 17.64 5.59 -20.57
CA LEU A 175 17.97 6.68 -19.68
C LEU A 175 19.42 6.67 -19.17
N GLY A 176 20.26 5.83 -19.77
CA GLY A 176 21.67 5.79 -19.42
C GLY A 176 22.04 4.41 -18.92
N ASN A 177 23.17 4.33 -18.21
CA ASN A 177 23.60 3.08 -17.70
C ASN A 177 24.09 3.11 -16.27
N GLY A 178 24.21 1.90 -15.71
CA GLY A 178 24.40 1.76 -14.30
C GLY A 178 25.19 0.52 -14.03
N ASN A 179 26.04 0.57 -13.01
CA ASN A 179 26.64 -0.62 -12.53
C ASN A 179 26.86 -0.63 -11.04
N ILE A 180 26.88 -1.83 -10.49
CA ILE A 180 26.87 -2.01 -9.05
C ILE A 180 27.97 -2.97 -8.72
N LYS A 181 28.78 -2.60 -7.75
CA LYS A 181 30.06 -3.23 -7.56
C LYS A 181 30.12 -3.69 -6.13
N LEU A 182 30.33 -5.00 -5.97
CA LEU A 182 30.29 -5.67 -4.67
C LEU A 182 31.66 -6.25 -4.35
N SER A 183 32.15 -6.02 -3.15
CA SER A 183 33.43 -6.57 -2.72
C SER A 183 33.17 -7.56 -1.59
N GLN A 184 34.14 -8.46 -1.42
CA GLN A 184 34.17 -9.38 -0.29
C GLN A 184 34.25 -8.64 1.04
N THR A 185 33.53 -9.15 2.05
CA THR A 185 33.64 -8.68 3.43
C THR A 185 34.74 -9.42 4.21
N SER A 186 35.74 -8.66 4.68
CA SER A 186 36.65 -9.17 5.70
C SER A 186 35.97 -9.02 7.08
N ASP A 189 29.94 -8.36 10.83
CA ASP A 189 29.04 -8.61 11.95
C ASP A 189 28.73 -10.10 12.05
N LYS A 190 28.29 -10.67 10.93
CA LYS A 190 27.51 -11.89 10.90
C LYS A 190 28.06 -12.81 9.82
N GLU A 191 27.36 -13.92 9.58
CA GLU A 191 27.41 -14.57 8.27
C GLU A 191 26.16 -14.23 7.44
N GLU A 192 25.11 -13.68 8.09
CA GLU A 192 23.90 -13.18 7.41
C GLU A 192 23.98 -11.74 6.84
N GLU A 193 25.16 -11.08 6.91
CA GLU A 193 25.50 -9.83 6.15
C GLU A 193 26.75 -9.89 5.27
N ALA A 194 27.38 -11.07 5.19
CA ALA A 194 28.66 -11.19 4.52
C ALA A 194 28.46 -11.44 3.04
N VAL A 195 29.47 -11.06 2.27
CA VAL A 195 29.52 -11.35 0.86
C VAL A 195 30.76 -12.18 0.62
N THR A 196 30.58 -13.31 -0.05
CA THR A 196 31.65 -14.29 -0.19
C THR A 196 31.78 -14.68 -1.65
N ILE A 197 33.01 -14.83 -2.14
CA ILE A 197 33.23 -15.18 -3.54
C ILE A 197 34.28 -16.30 -3.69
N GLU A 198 33.95 -17.28 -4.53
CA GLU A 198 34.84 -18.40 -4.82
C GLU A 198 35.06 -18.47 -6.33
N MET A 199 36.23 -18.03 -6.77
CA MET A 199 36.49 -17.85 -8.18
C MET A 199 37.56 -18.81 -8.70
N ASN A 200 37.16 -19.83 -9.47
CA ASN A 200 38.11 -20.69 -10.20
C ASN A 200 38.69 -19.93 -11.38
N GLU A 201 37.81 -19.28 -12.14
CA GLU A 201 38.22 -18.43 -13.25
CA GLU A 201 38.22 -18.43 -13.25
C GLU A 201 37.18 -17.34 -13.53
N PRO A 202 37.62 -16.19 -14.05
CA PRO A 202 36.67 -15.08 -14.27
C PRO A 202 35.60 -15.41 -15.30
N VAL A 203 34.47 -14.73 -15.18
CA VAL A 203 33.30 -15.04 -16.01
C VAL A 203 32.50 -13.78 -16.22
N GLN A 204 31.87 -13.69 -17.37
CA GLN A 204 31.01 -12.61 -17.71
C GLN A 204 29.78 -13.07 -18.47
N LEU A 205 28.59 -12.91 -17.88
CA LEU A 205 27.34 -13.34 -18.53
C LEU A 205 26.26 -12.29 -18.55
N THR A 206 25.31 -12.47 -19.46
CA THR A 206 24.23 -11.54 -19.63
C THR A 206 22.89 -12.28 -19.48
N PHE A 207 22.00 -11.71 -18.63
CA PHE A 207 20.73 -12.36 -18.25
C PHE A 207 19.58 -11.37 -18.24
N ALA A 208 18.37 -11.89 -18.49
CA ALA A 208 17.16 -11.11 -18.47
C ALA A 208 16.78 -10.80 -17.02
N LEU A 209 16.74 -9.52 -16.70
CA LEU A 209 16.27 -9.07 -15.39
C LEU A 209 14.83 -9.46 -15.06
N ARG A 210 13.98 -9.53 -16.06
CA ARG A 210 12.58 -9.93 -15.82
C ARG A 210 12.55 -11.24 -15.01
N TYR A 211 13.41 -12.18 -15.39
CA TYR A 211 13.41 -13.51 -14.78
C TYR A 211 14.11 -13.57 -13.43
N LEU A 212 15.14 -12.75 -13.26
CA LEU A 212 15.72 -12.60 -11.93
C LEU A 212 14.73 -11.99 -10.92
N ASN A 213 13.91 -11.04 -11.34
CA ASN A 213 12.93 -10.49 -10.42
C ASN A 213 11.79 -11.47 -10.06
N PHE A 214 11.47 -12.44 -10.91
CA PHE A 214 10.66 -13.59 -10.46
C PHE A 214 11.38 -14.44 -9.39
N PHE A 215 12.66 -14.70 -9.60
CA PHE A 215 13.38 -15.51 -8.61
C PHE A 215 13.38 -14.88 -7.22
N THR A 216 13.55 -13.57 -7.14
CA THR A 216 13.74 -12.93 -5.83
C THR A 216 12.45 -12.87 -5.00
N LYS A 217 11.34 -13.30 -5.56
CA LYS A 217 10.15 -13.57 -4.74
C LYS A 217 10.40 -14.66 -3.68
N ALA A 218 11.46 -15.46 -3.83
CA ALA A 218 11.83 -16.44 -2.81
C ALA A 218 12.56 -15.86 -1.63
N THR A 219 12.93 -14.58 -1.73
CA THR A 219 13.70 -13.91 -0.70
C THR A 219 13.22 -14.19 0.75
N PRO A 220 11.90 -14.18 1.01
CA PRO A 220 11.50 -14.40 2.43
C PRO A 220 11.85 -15.79 3.00
N LEU A 221 12.27 -16.72 2.16
CA LEU A 221 12.71 -18.01 2.64
C LEU A 221 14.04 -18.06 3.33
N SER A 222 14.89 -17.11 3.05
CA SER A 222 16.30 -17.23 3.40
C SER A 222 16.96 -15.88 3.49
N SER A 223 17.78 -15.73 4.52
CA SER A 223 18.70 -14.63 4.69
C SER A 223 19.74 -14.48 3.60
N THR A 224 20.15 -15.61 3.02
CA THR A 224 21.22 -15.56 2.04
C THR A 224 20.76 -16.14 0.73
N VAL A 225 21.52 -15.84 -0.32
CA VAL A 225 21.32 -16.44 -1.64
C VAL A 225 22.68 -16.74 -2.26
N THR A 226 22.72 -17.76 -3.11
CA THR A 226 23.95 -18.20 -3.73
C THR A 226 23.79 -18.12 -5.24
N LEU A 227 24.71 -17.47 -5.90
CA LEU A 227 24.68 -17.38 -7.36
C LEU A 227 25.87 -18.18 -7.86
N SER A 228 25.66 -19.04 -8.85
CA SER A 228 26.72 -19.92 -9.39
C SER A 228 26.79 -19.77 -10.88
N MET A 229 27.96 -19.49 -11.40
CA MET A 229 28.14 -19.18 -12.81
C MET A 229 29.33 -19.91 -13.44
N SER A 230 29.15 -20.33 -14.69
CA SER A 230 30.25 -20.57 -15.63
C SER A 230 29.88 -20.03 -16.99
N ALA A 231 30.90 -19.86 -17.82
CA ALA A 231 30.73 -19.38 -19.19
C ALA A 231 29.67 -20.22 -19.92
N ASP A 232 28.75 -19.53 -20.57
CA ASP A 232 27.79 -20.11 -21.53
C ASP A 232 26.81 -21.13 -20.95
N VAL A 233 26.66 -21.16 -19.63
CA VAL A 233 25.66 -22.04 -19.00
C VAL A 233 24.73 -21.30 -18.02
N PRO A 234 23.57 -21.93 -17.73
CA PRO A 234 22.58 -21.25 -16.90
C PRO A 234 23.14 -20.81 -15.57
N LEU A 235 22.82 -19.58 -15.22
CA LEU A 235 22.96 -19.10 -13.86
C LEU A 235 22.13 -19.96 -12.92
N VAL A 236 22.67 -20.26 -11.74
CA VAL A 236 21.95 -20.90 -10.67
C VAL A 236 21.82 -19.93 -9.54
N VAL A 237 20.57 -19.71 -9.13
CA VAL A 237 20.23 -18.87 -7.99
C VAL A 237 19.55 -19.76 -6.96
N GLU A 238 20.13 -19.88 -5.77
CA GLU A 238 19.68 -20.85 -4.78
C GLU A 238 19.37 -20.27 -3.43
N TYR A 239 18.15 -20.59 -2.93
CA TYR A 239 17.75 -20.27 -1.57
C TYR A 239 17.58 -21.52 -0.72
N LYS A 240 18.35 -21.60 0.37
CA LYS A 240 18.19 -22.66 1.37
C LYS A 240 16.93 -22.43 2.16
N ILE A 241 16.16 -23.50 2.32
CA ILE A 241 15.03 -23.57 3.25
C ILE A 241 15.41 -24.36 4.49
N ALA A 242 15.74 -23.66 5.57
CA ALA A 242 16.63 -24.21 6.59
C ALA A 242 16.04 -25.45 7.17
N ASP A 243 16.85 -26.51 7.22
CA ASP A 243 16.45 -27.82 7.78
C ASP A 243 15.42 -28.59 6.97
N MET A 244 15.34 -28.32 5.67
CA MET A 244 14.27 -28.87 4.86
C MET A 244 14.71 -29.15 3.48
N GLY A 245 15.41 -28.19 2.89
CA GLY A 245 15.82 -28.29 1.50
C GLY A 245 16.15 -26.96 0.91
N HIS A 246 15.71 -26.76 -0.33
CA HIS A 246 16.15 -25.62 -1.10
C HIS A 246 15.21 -25.34 -2.24
N LEU A 247 15.30 -24.11 -2.70
CA LEU A 247 14.70 -23.67 -3.92
C LEU A 247 15.81 -23.11 -4.82
N LYS A 248 15.88 -23.64 -6.04
CA LYS A 248 16.95 -23.38 -6.97
C LYS A 248 16.29 -22.91 -8.23
N TYR A 249 16.82 -21.82 -8.78
CA TYR A 249 16.41 -21.35 -10.08
C TYR A 249 17.57 -21.32 -11.05
N TYR A 250 17.30 -21.70 -12.30
CA TYR A 250 18.28 -21.71 -13.35
C TYR A 250 17.76 -20.80 -14.42
N LEU A 251 18.66 -19.99 -14.98
CA LEU A 251 18.31 -19.07 -16.04
C LEU A 251 19.30 -19.16 -17.17
N ALA A 252 18.81 -19.54 -18.35
CA ALA A 252 19.62 -19.53 -19.57
C ALA A 252 20.20 -18.13 -19.80
N PRO A 253 21.46 -18.06 -20.26
CA PRO A 253 22.03 -16.76 -20.62
C PRO A 253 21.41 -16.18 -21.89
N LYS A 254 21.40 -14.85 -21.96
CA LYS A 254 20.94 -14.15 -23.16
C LYS A 254 22.01 -14.17 -24.27
N ILE A 255 21.59 -14.25 -25.54
CA ILE A 255 22.41 -13.75 -26.69
C ILE A 255 21.66 -12.74 -27.57
N GLY B 1 17.36 -15.21 -28.53
CA GLY B 1 16.98 -14.73 -27.16
C GLY B 1 17.69 -15.49 -26.06
N SER B 2 16.90 -15.95 -25.07
CA SER B 2 17.30 -17.02 -24.13
C SER B 2 16.52 -18.32 -24.37
N ASP B 3 17.16 -19.46 -24.09
CA ASP B 3 16.52 -20.79 -24.17
C ASP B 3 17.32 -21.82 -23.37
N ILE B 4 16.67 -22.43 -22.39
CA ILE B 4 17.33 -23.34 -21.45
C ILE B 4 17.21 -24.83 -21.82
N THR B 5 16.37 -25.15 -22.79
CA THR B 5 16.09 -26.54 -23.15
C THR B 5 17.36 -27.29 -23.57
N ARG B 6 18.08 -26.71 -24.53
CA ARG B 6 19.38 -27.21 -24.95
C ARG B 6 20.31 -27.64 -23.81
N PHE B 7 20.09 -27.18 -22.59
CA PHE B 7 20.92 -27.60 -21.44
C PHE B 7 20.31 -28.73 -20.62
N LEU B 8 19.14 -29.19 -21.01
CA LEU B 8 18.39 -30.16 -20.19
C LEU B 8 18.81 -31.63 -20.38
N VAL B 9 19.04 -32.30 -19.25
CA VAL B 9 19.40 -33.70 -19.19
C VAL B 9 18.24 -34.53 -18.63
N LYS B 10 17.92 -35.63 -19.31
CA LYS B 10 16.78 -36.48 -18.94
C LYS B 10 17.09 -37.30 -17.70
N LYS B 11 16.87 -36.71 -16.53
CA LYS B 11 17.37 -37.27 -15.27
C LYS B 11 16.85 -36.40 -14.11
N MET C 1 -33.64 22.92 14.95
CA MET C 1 -32.22 22.81 15.34
C MET C 1 -31.84 21.45 15.95
N PHE C 2 -30.62 21.04 15.61
CA PHE C 2 -30.02 19.80 15.94
C PHE C 2 -28.53 20.04 16.15
N GLU C 3 -27.99 19.49 17.21
CA GLU C 3 -26.60 19.66 17.56
C GLU C 3 -26.14 18.49 18.42
N ALA C 4 -25.16 17.77 17.90
CA ALA C 4 -24.60 16.60 18.55
C ALA C 4 -23.08 16.71 18.54
N ARG C 5 -22.47 16.68 19.72
CA ARG C 5 -21.01 16.72 19.82
C ARG C 5 -20.54 15.30 20.21
N LEU C 6 -19.50 14.83 19.53
CA LEU C 6 -18.90 13.53 19.78
C LEU C 6 -17.41 13.74 19.92
N VAL C 7 -16.91 13.47 21.12
CA VAL C 7 -15.49 13.64 21.41
C VAL C 7 -14.61 12.62 20.67
N GLN C 8 -15.01 11.34 20.74
CA GLN C 8 -14.41 10.28 19.93
C GLN C 8 -15.05 10.28 18.54
N GLY C 9 -14.62 11.25 17.73
CA GLY C 9 -15.12 11.40 16.36
C GLY C 9 -14.82 10.21 15.45
N SER C 10 -13.77 9.44 15.78
CA SER C 10 -13.38 8.24 15.00
C SER C 10 -14.54 7.26 14.79
N ILE C 11 -15.35 7.13 15.83
CA ILE C 11 -16.50 6.28 15.78
C ILE C 11 -17.34 6.59 14.56
N LEU C 12 -17.63 7.85 14.37
CA LEU C 12 -18.47 8.27 13.25
C LEU C 12 -17.76 8.08 11.91
N LYS C 13 -16.45 8.15 11.94
CA LYS C 13 -15.68 7.86 10.75
C LYS C 13 -15.86 6.42 10.37
N LYS C 14 -15.74 5.54 11.35
CA LYS C 14 -15.88 4.10 11.10
C LYS C 14 -17.29 3.72 10.66
N VAL C 15 -18.29 4.30 11.30
CA VAL C 15 -19.66 4.07 10.89
C VAL C 15 -19.84 4.38 9.43
N LEU C 16 -19.34 5.52 8.98
CA LEU C 16 -19.48 5.84 7.55
C LEU C 16 -18.70 4.93 6.61
N GLU C 17 -17.49 4.57 7.01
CA GLU C 17 -16.73 3.60 6.23
CA GLU C 17 -16.72 3.59 6.26
C GLU C 17 -17.56 2.32 6.13
N ALA C 18 -18.22 1.95 7.21
CA ALA C 18 -18.98 0.71 7.23
C ALA C 18 -20.24 0.69 6.35
N LEU C 19 -20.69 1.85 5.92
CA LEU C 19 -21.99 1.97 5.24
C LEU C 19 -21.84 2.29 3.76
N LYS C 20 -20.91 3.20 3.42
CA LYS C 20 -20.87 3.77 2.09
C LYS C 20 -20.56 2.74 0.99
N ASP C 21 -19.99 1.62 1.36
CA ASP C 21 -19.78 0.53 0.39
C ASP C 21 -21.05 -0.32 0.12
N LEU C 22 -22.03 -0.22 0.99
CA LEU C 22 -23.33 -0.93 0.85
C LEU C 22 -24.47 -0.02 0.37
N ILE C 23 -24.45 1.24 0.78
CA ILE C 23 -25.54 2.21 0.53
C ILE C 23 -24.96 3.50 -0.02
N ASN C 24 -25.53 4.04 -1.10
CA ASN C 24 -25.09 5.35 -1.63
C ASN C 24 -25.73 6.46 -0.84
N GLU C 25 -27.02 6.32 -0.59
CA GLU C 25 -27.83 7.38 -0.02
C GLU C 25 -28.84 6.81 0.99
N ALA C 26 -28.95 7.49 2.11
CA ALA C 26 -29.90 7.10 3.14
C ALA C 26 -30.42 8.28 3.95
N CYS C 27 -31.48 7.99 4.70
CA CYS C 27 -32.09 8.95 5.62
C CYS C 27 -31.54 8.79 7.00
N TRP C 28 -31.01 9.88 7.54
CA TRP C 28 -30.66 9.96 8.94
C TRP C 28 -31.87 10.49 9.74
N ASP C 29 -32.52 9.60 10.47
CA ASP C 29 -33.64 10.02 11.33
C ASP C 29 -33.12 10.53 12.64
N ILE C 30 -33.24 11.83 12.83
CA ILE C 30 -32.89 12.42 14.10
C ILE C 30 -34.11 12.55 14.99
N SER C 31 -33.91 12.33 16.28
CA SER C 31 -34.93 12.58 17.29
C SER C 31 -34.24 12.78 18.63
N SER C 32 -35.07 12.93 19.66
CA SER C 32 -34.60 13.24 21.01
C SER C 32 -33.82 12.05 21.61
N SER C 33 -34.12 10.85 21.13
CA SER C 33 -33.48 9.63 21.65
C SER C 33 -32.23 9.25 20.86
N GLY C 34 -32.14 9.78 19.65
CA GLY C 34 -30.86 9.85 18.99
C GLY C 34 -30.97 9.71 17.51
N VAL C 35 -29.95 9.09 16.95
CA VAL C 35 -29.84 8.92 15.52
C VAL C 35 -30.15 7.48 15.14
N ASN C 36 -31.01 7.37 14.14
CA ASN C 36 -31.42 6.09 13.62
CA ASN C 36 -31.42 6.07 13.60
C ASN C 36 -31.35 6.16 12.09
N LEU C 37 -30.78 5.13 11.49
CA LEU C 37 -30.71 5.05 10.05
C LEU C 37 -31.05 3.64 9.71
N GLN C 38 -31.88 3.48 8.69
CA GLN C 38 -32.31 2.15 8.27
C GLN C 38 -32.49 2.11 6.76
N SER C 39 -31.86 1.15 6.09
CA SER C 39 -31.89 1.17 4.64
C SER C 39 -31.53 -0.17 4.01
N MET C 40 -32.17 -0.46 2.89
CA MET C 40 -31.77 -1.57 2.01
C MET C 40 -30.66 -1.14 1.10
N ASP C 41 -29.83 -2.09 0.70
CA ASP C 41 -28.91 -1.86 -0.42
C ASP C 41 -29.69 -1.81 -1.72
N SER C 42 -29.06 -1.31 -2.78
CA SER C 42 -29.75 -1.04 -4.05
C SER C 42 -30.16 -2.28 -4.85
N SER C 43 -29.69 -3.45 -4.42
CA SER C 43 -30.13 -4.72 -4.96
C SER C 43 -31.17 -5.43 -4.12
N HIS C 44 -31.53 -4.84 -2.97
CA HIS C 44 -32.65 -5.35 -2.17
C HIS C 44 -32.43 -6.77 -1.69
N VAL C 45 -31.20 -7.01 -1.28
CA VAL C 45 -30.78 -8.28 -0.79
C VAL C 45 -30.59 -8.18 0.72
N SER C 46 -30.24 -6.99 1.19
CA SER C 46 -29.85 -6.79 2.59
C SER C 46 -30.46 -5.53 3.14
N LEU C 47 -30.43 -5.42 4.45
CA LEU C 47 -30.90 -4.23 5.09
C LEU C 47 -29.90 -3.87 6.17
N VAL C 48 -29.64 -2.58 6.34
CA VAL C 48 -28.77 -2.11 7.42
C VAL C 48 -29.53 -1.19 8.34
N GLN C 49 -29.23 -1.32 9.62
CA GLN C 49 -29.93 -0.59 10.66
C GLN C 49 -28.95 -0.07 11.68
N LEU C 50 -28.90 1.25 11.80
CA LEU C 50 -27.96 1.92 12.71
C LEU C 50 -28.68 2.66 13.81
N THR C 51 -28.15 2.52 15.01
CA THR C 51 -28.69 3.19 16.19
C THR C 51 -27.56 3.86 16.95
N LEU C 52 -27.66 5.16 17.10
CA LEU C 52 -26.77 5.91 17.99
C LEU C 52 -27.58 6.70 18.98
N ARG C 53 -27.56 6.26 20.22
CA ARG C 53 -28.34 6.87 21.30
C ARG C 53 -27.76 8.24 21.68
N SER C 54 -28.67 9.14 21.99
CA SER C 54 -28.31 10.53 22.31
C SER C 54 -27.37 10.54 23.50
N GLU C 55 -27.62 9.64 24.42
CA GLU C 55 -26.82 9.60 25.64
C GLU C 55 -25.36 9.19 25.39
N GLY C 56 -25.07 8.58 24.25
CA GLY C 56 -23.69 8.26 23.89
C GLY C 56 -22.86 9.42 23.36
N PHE C 57 -23.54 10.48 22.97
CA PHE C 57 -22.90 11.73 22.62
C PHE C 57 -22.51 12.52 23.87
N ASP C 58 -21.57 13.44 23.69
CA ASP C 58 -21.06 14.19 24.80
CA ASP C 58 -21.06 14.28 24.79
C ASP C 58 -22.06 15.32 25.13
N THR C 59 -22.67 15.89 24.09
CA THR C 59 -23.90 16.68 24.23
C THR C 59 -24.79 16.40 23.01
N TYR C 60 -26.09 16.59 23.17
CA TYR C 60 -27.06 16.22 22.17
C TYR C 60 -28.36 17.01 22.31
N ARG C 61 -28.71 17.71 21.26
CA ARG C 61 -29.89 18.54 21.26
C ARG C 61 -30.61 18.20 19.97
N CYS C 62 -31.87 17.79 20.09
CA CYS C 62 -32.71 17.68 18.91
C CYS C 62 -34.09 18.18 19.25
N ASP C 63 -34.45 19.32 18.69
CA ASP C 63 -35.68 20.05 19.09
C ASP C 63 -36.86 19.52 18.30
N ARG C 64 -36.60 19.11 17.08
CA ARG C 64 -37.63 18.56 16.24
C ARG C 64 -37.08 17.34 15.55
N ASN C 65 -37.95 16.38 15.25
CA ASN C 65 -37.54 15.20 14.50
C ASN C 65 -37.25 15.56 13.05
N LEU C 66 -36.13 15.02 12.52
CA LEU C 66 -35.69 15.33 11.18
C LEU C 66 -35.33 14.07 10.40
N ALA C 67 -35.75 14.02 9.14
CA ALA C 67 -35.31 12.97 8.20
C ALA C 67 -34.36 13.61 7.19
N MET C 68 -33.08 13.64 7.52
CA MET C 68 -32.08 14.21 6.64
C MET C 68 -31.66 13.17 5.62
N GLY C 69 -31.74 13.55 4.34
CA GLY C 69 -31.31 12.68 3.25
C GLY C 69 -29.86 12.94 2.89
N VAL C 70 -29.03 11.90 2.98
CA VAL C 70 -27.60 12.08 2.91
C VAL C 70 -26.98 11.19 1.87
N ASN C 71 -26.16 11.80 1.01
CA ASN C 71 -25.23 11.02 0.22
C ASN C 71 -24.10 10.50 1.10
N LEU C 72 -24.09 9.19 1.36
CA LEU C 72 -23.17 8.63 2.35
C LEU C 72 -21.76 8.66 1.82
N THR C 73 -21.64 8.66 0.50
CA THR C 73 -20.35 8.73 -0.14
C THR C 73 -19.75 10.12 0.11
N SER C 74 -20.49 11.18 -0.23
CA SER C 74 -20.16 12.54 0.20
C SER C 74 -19.82 12.68 1.67
N MET C 75 -20.69 12.23 2.52
CA MET C 75 -20.42 12.41 3.94
C MET C 75 -19.10 11.74 4.32
N SER C 76 -18.85 10.53 3.83
CA SER C 76 -17.61 9.81 4.16
C SER C 76 -16.36 10.56 3.67
N LYS C 77 -16.46 11.17 2.50
CA LYS C 77 -15.40 12.01 1.99
C LYS C 77 -15.13 13.19 2.90
N ILE C 78 -16.16 13.80 3.47
CA ILE C 78 -15.96 14.93 4.34
C ILE C 78 -15.32 14.44 5.62
N LEU C 79 -15.82 13.33 6.13
CA LEU C 79 -15.27 12.81 7.36
C LEU C 79 -13.80 12.38 7.23
N LYS C 80 -13.32 12.11 6.03
CA LYS C 80 -11.85 11.95 5.82
C LYS C 80 -11.02 13.21 6.06
N CYS C 81 -11.61 14.38 5.85
CA CYS C 81 -10.98 15.62 6.29
C CYS C 81 -11.00 15.84 7.80
N ALA C 82 -11.38 14.83 8.56
CA ALA C 82 -11.27 14.93 10.01
C ALA C 82 -10.12 14.06 10.49
N GLY C 83 -9.33 14.63 11.40
CA GLY C 83 -8.32 13.88 12.14
C GLY C 83 -9.00 12.80 12.98
N ASN C 84 -8.30 11.69 13.20
CA ASN C 84 -8.85 10.59 14.00
C ASN C 84 -8.97 10.93 15.48
N GLU C 85 -8.36 12.07 15.87
CA GLU C 85 -8.40 12.57 17.24
C GLU C 85 -9.25 13.86 17.34
N ASP C 86 -9.92 14.25 16.26
CA ASP C 86 -10.68 15.52 16.24
C ASP C 86 -11.98 15.34 17.03
N ILE C 87 -12.49 16.45 17.54
CA ILE C 87 -13.85 16.50 18.10
C ILE C 87 -14.83 16.89 17.04
N ILE C 88 -15.91 16.14 16.93
CA ILE C 88 -16.81 16.30 15.81
C ILE C 88 -18.16 16.71 16.31
N THR C 89 -18.70 17.73 15.66
CA THR C 89 -20.00 18.26 15.93
C THR C 89 -20.83 18.31 14.67
N LEU C 90 -22.04 17.73 14.72
CA LEU C 90 -23.02 17.82 13.65
C LEU C 90 -24.03 18.90 14.01
N ARG C 91 -24.47 19.66 13.02
CA ARG C 91 -25.37 20.76 13.28
C ARG C 91 -26.27 20.96 12.07
N ALA C 92 -27.57 21.05 12.33
CA ALA C 92 -28.58 21.32 11.29
C ALA C 92 -29.55 22.31 11.82
N GLU C 93 -30.02 23.21 10.97
CA GLU C 93 -31.15 24.09 11.30
C GLU C 93 -32.50 23.45 10.94
N ASP C 94 -33.61 24.00 11.46
CA ASP C 94 -34.95 23.38 11.30
C ASP C 94 -35.33 23.17 9.82
N ASN C 95 -35.10 24.21 9.02
CA ASN C 95 -35.53 24.25 7.59
C ASN C 95 -34.68 23.38 6.66
N ALA C 96 -33.48 23.01 7.12
CA ALA C 96 -32.30 23.21 6.29
C ALA C 96 -31.99 22.07 5.34
N ASP C 97 -31.57 22.51 4.16
CA ASP C 97 -31.10 21.64 3.11
C ASP C 97 -29.59 21.41 3.23
N THR C 98 -28.96 21.79 4.35
CA THR C 98 -27.56 21.43 4.58
C THR C 98 -27.27 20.89 5.98
N LEU C 99 -26.32 19.97 6.05
CA LEU C 99 -25.79 19.51 7.33
C LEU C 99 -24.39 20.04 7.57
N ALA C 100 -24.15 20.68 8.72
CA ALA C 100 -22.83 21.23 9.06
C ALA C 100 -22.01 20.23 9.89
N LEU C 101 -20.78 19.97 9.46
CA LEU C 101 -19.87 19.13 10.24
C LEU C 101 -18.67 19.92 10.66
N VAL C 102 -18.40 19.96 11.96
CA VAL C 102 -17.38 20.88 12.47
C VAL C 102 -16.38 20.02 13.21
N PHE C 103 -15.11 20.14 12.79
CA PHE C 103 -13.98 19.35 13.31
C PHE C 103 -13.04 20.25 14.09
N GLU C 104 -12.91 20.00 15.39
CA GLU C 104 -12.03 20.78 16.25
C GLU C 104 -10.81 19.94 16.57
N ALA C 105 -9.64 20.46 16.27
CA ALA C 105 -8.43 19.66 16.43
C ALA C 105 -8.09 19.63 17.92
N PRO C 106 -7.38 18.56 18.35
CA PRO C 106 -6.92 18.49 19.75
C PRO C 106 -6.14 19.73 20.20
N ASN C 107 -5.25 20.25 19.34
CA ASN C 107 -4.46 21.43 19.69
C ASN C 107 -5.26 22.74 19.84
N GLN C 108 -6.55 22.73 19.47
CA GLN C 108 -7.47 23.87 19.68
C GLN C 108 -7.34 25.01 18.67
N GLU C 109 -6.26 25.01 17.89
CA GLU C 109 -5.91 26.14 17.05
C GLU C 109 -6.48 25.98 15.65
N LYS C 110 -6.88 24.75 15.32
CA LYS C 110 -7.50 24.45 14.03
C LYS C 110 -8.99 24.08 14.21
N VAL C 111 -9.86 24.82 13.52
CA VAL C 111 -11.25 24.44 13.33
C VAL C 111 -11.63 24.39 11.85
N SER C 112 -12.15 23.25 11.42
CA SER C 112 -12.68 23.07 10.08
C SER C 112 -14.22 22.99 10.09
N ASP C 113 -14.84 23.49 9.04
CA ASP C 113 -16.25 23.64 8.98
C ASP C 113 -16.73 23.25 7.60
N TYR C 114 -17.45 22.14 7.50
CA TYR C 114 -17.92 21.68 6.21
C TYR C 114 -19.45 21.78 6.18
N GLU C 115 -20.02 22.41 5.16
CA GLU C 115 -21.46 22.38 4.92
C GLU C 115 -21.80 21.44 3.77
N MET C 116 -22.44 20.33 4.09
CA MET C 116 -22.80 19.32 3.10
C MET C 116 -24.24 19.56 2.63
N LYS C 117 -24.47 19.59 1.32
CA LYS C 117 -25.82 19.63 0.78
C LYS C 117 -26.56 18.37 1.11
N LEU C 118 -27.85 18.48 1.40
CA LEU C 118 -28.68 17.29 1.62
C LEU C 118 -29.38 16.87 0.34
N MET C 119 -30.15 15.81 0.41
CA MET C 119 -30.99 15.48 -0.72
C MET C 119 -32.33 14.98 -0.24
N ASP C 120 -33.29 14.99 -1.15
CA ASP C 120 -34.65 14.61 -0.83
C ASP C 120 -34.83 13.14 -1.14
N LEU C 121 -35.08 12.33 -0.10
CA LEU C 121 -35.33 10.90 -0.28
C LEU C 121 -36.69 10.52 0.27
N ASP C 122 -37.40 9.64 -0.44
CA ASP C 122 -38.78 9.27 -0.05
C ASP C 122 -38.80 7.95 0.72
N VAL C 123 -37.93 7.81 1.72
CA VAL C 123 -37.81 6.52 2.41
C VAL C 123 -38.88 6.40 3.50
N GLU C 124 -40.02 5.84 3.10
CA GLU C 124 -40.95 5.22 4.06
C GLU C 124 -40.34 3.92 4.55
N GLN C 125 -39.78 3.99 5.75
CA GLN C 125 -38.95 2.91 6.26
C GLN C 125 -39.79 1.76 6.86
N LEU C 126 -39.55 0.57 6.33
CA LEU C 126 -39.97 -0.68 6.94
C LEU C 126 -38.72 -1.39 7.49
N GLY C 127 -38.94 -2.35 8.38
CA GLY C 127 -37.83 -3.08 9.00
C GLY C 127 -38.15 -4.54 9.22
N ILE C 128 -37.16 -5.28 9.70
CA ILE C 128 -37.37 -6.64 10.10
C ILE C 128 -37.95 -6.63 11.49
N PRO C 129 -39.05 -7.37 11.69
CA PRO C 129 -39.60 -7.45 13.03
C PRO C 129 -38.68 -8.25 13.97
N GLU C 130 -38.67 -7.83 15.22
CA GLU C 130 -37.86 -8.49 16.26
C GLU C 130 -38.33 -9.93 16.51
N GLN C 131 -37.39 -10.79 16.88
CA GLN C 131 -37.68 -12.21 17.11
C GLN C 131 -36.50 -12.90 17.79
N GLU C 132 -36.75 -14.14 18.22
CA GLU C 132 -35.74 -14.99 18.83
C GLU C 132 -35.28 -16.00 17.80
N TYR C 133 -33.98 -16.28 17.79
CA TYR C 133 -33.41 -17.06 16.72
C TYR C 133 -32.98 -18.44 17.22
N SER C 134 -33.16 -19.44 16.38
CA SER C 134 -32.67 -20.78 16.64
C SER C 134 -31.21 -20.78 17.06
N CYS C 135 -30.39 -19.97 16.38
CA CYS C 135 -28.96 -19.98 16.59
C CYS C 135 -28.39 -18.62 16.74
N VAL C 136 -27.54 -18.47 17.75
CA VAL C 136 -26.85 -17.22 17.99
C VAL C 136 -25.40 -17.52 18.29
N VAL C 137 -24.52 -16.94 17.49
CA VAL C 137 -23.08 -17.15 17.64
C VAL C 137 -22.42 -15.82 17.97
N LYS C 138 -21.63 -15.79 19.04
CA LYS C 138 -20.81 -14.64 19.36
C LYS C 138 -19.35 -15.01 19.23
N MET C 139 -18.60 -14.16 18.53
CA MET C 139 -17.19 -14.49 18.19
C MET C 139 -16.39 -13.23 17.91
N PRO C 140 -15.05 -13.38 17.83
CA PRO C 140 -14.25 -12.19 17.56
C PRO C 140 -14.52 -11.67 16.18
N SER C 141 -14.65 -10.37 16.07
CA SER C 141 -15.06 -9.74 14.82
C SER C 141 -14.05 -9.99 13.73
N GLY C 142 -12.78 -9.94 14.10
CA GLY C 142 -11.68 -10.15 13.14
C GLY C 142 -11.59 -11.58 12.61
N GLU C 143 -11.90 -12.55 13.44
CA GLU C 143 -12.05 -13.94 13.01
C GLU C 143 -13.17 -14.10 12.01
N PHE C 144 -14.31 -13.51 12.28
CA PHE C 144 -15.41 -13.59 11.31
C PHE C 144 -15.03 -13.00 9.96
N ALA C 145 -14.38 -11.85 9.99
CA ALA C 145 -13.97 -11.19 8.76
C ALA C 145 -13.04 -12.05 7.93
N ARG C 146 -12.11 -12.71 8.61
CA ARG C 146 -11.14 -13.54 7.91
C ARG C 146 -11.80 -14.79 7.28
N ILE C 147 -12.75 -15.36 7.97
CA ILE C 147 -13.57 -16.42 7.42
C ILE C 147 -14.27 -15.99 6.14
N CYS C 148 -15.03 -14.89 6.19
CA CYS C 148 -15.73 -14.41 4.99
C CYS C 148 -14.76 -14.08 3.86
N ARG C 149 -13.61 -13.51 4.23
CA ARG C 149 -12.59 -13.16 3.23
CA ARG C 149 -12.58 -13.16 3.23
C ARG C 149 -11.99 -14.41 2.56
N ASP C 150 -11.47 -15.33 3.37
CA ASP C 150 -10.97 -16.63 2.89
C ASP C 150 -11.97 -17.35 1.96
N LEU C 151 -13.21 -17.56 2.42
CA LEU C 151 -14.14 -18.35 1.63
C LEU C 151 -14.54 -17.69 0.34
N SER C 152 -14.39 -16.38 0.27
CA SER C 152 -14.82 -15.64 -0.93
C SER C 152 -13.85 -15.84 -2.04
N HIS C 153 -12.67 -16.37 -1.73
CA HIS C 153 -11.73 -16.83 -2.76
C HIS C 153 -12.06 -18.20 -3.32
N ILE C 154 -13.00 -18.90 -2.70
CA ILE C 154 -13.35 -20.23 -3.12
C ILE C 154 -14.63 -20.18 -3.91
N GLY C 155 -15.63 -19.46 -3.43
CA GLY C 155 -16.93 -19.42 -4.12
C GLY C 155 -17.66 -18.19 -3.72
N ASP C 156 -18.82 -17.96 -4.33
CA ASP C 156 -19.58 -16.73 -4.06
C ASP C 156 -20.67 -16.92 -3.00
N ALA C 157 -20.84 -18.14 -2.54
CA ALA C 157 -21.85 -18.47 -1.57
C ALA C 157 -21.21 -19.20 -0.40
N VAL C 158 -21.73 -18.97 0.80
CA VAL C 158 -21.30 -19.71 1.96
C VAL C 158 -22.46 -20.44 2.60
N VAL C 159 -22.29 -21.74 2.84
CA VAL C 159 -23.29 -22.47 3.58
C VAL C 159 -22.90 -22.39 5.03
N ILE C 160 -23.80 -21.88 5.87
CA ILE C 160 -23.58 -21.88 7.31
C ILE C 160 -24.45 -22.90 8.02
N SER C 161 -23.77 -23.86 8.62
CA SER C 161 -24.40 -24.98 9.33
CA SER C 161 -24.40 -24.98 9.33
C SER C 161 -24.11 -24.83 10.80
N CYS C 162 -25.15 -24.69 11.59
CA CYS C 162 -25.00 -24.61 13.02
C CYS C 162 -25.57 -25.88 13.66
N ALA C 163 -24.68 -26.69 14.24
CA ALA C 163 -25.04 -27.72 15.24
C ALA C 163 -24.60 -27.24 16.63
N LYS C 164 -24.45 -28.15 17.59
CA LYS C 164 -24.33 -27.75 19.00
C LYS C 164 -22.89 -27.64 19.47
N ASP C 165 -22.08 -28.65 19.18
CA ASP C 165 -20.62 -28.57 19.30
C ASP C 165 -20.05 -27.21 18.83
N GLY C 166 -20.55 -26.77 17.68
CA GLY C 166 -19.89 -25.77 16.87
C GLY C 166 -20.63 -25.38 15.60
N VAL C 167 -19.97 -24.60 14.77
CA VAL C 167 -20.57 -24.03 13.59
C VAL C 167 -19.58 -24.14 12.43
N LYS C 168 -20.12 -24.34 11.23
CA LYS C 168 -19.31 -24.65 10.07
C LYS C 168 -19.68 -23.73 8.93
N PHE C 169 -18.65 -23.25 8.22
CA PHE C 169 -18.82 -22.37 7.09
C PHE C 169 -18.19 -23.05 5.89
N SER C 170 -18.93 -23.17 4.80
CA SER C 170 -18.35 -23.80 3.64
C SER C 170 -18.71 -23.17 2.30
N ALA C 171 -17.81 -23.36 1.35
CA ALA C 171 -18.02 -22.81 0.02
C ALA C 171 -17.39 -23.69 -1.03
N SER C 172 -17.68 -23.35 -2.28
CA SER C 172 -17.42 -24.22 -3.40
C SER C 172 -17.38 -23.46 -4.71
N GLY C 173 -16.41 -23.76 -5.57
CA GLY C 173 -16.33 -23.11 -6.87
C GLY C 173 -15.32 -23.75 -7.81
N GLU C 174 -14.88 -22.97 -8.80
CA GLU C 174 -13.97 -23.42 -9.87
C GLU C 174 -12.83 -24.25 -9.33
N LEU C 175 -12.18 -23.73 -8.28
CA LEU C 175 -10.90 -24.27 -7.85
C LEU C 175 -10.97 -25.26 -6.69
N GLY C 176 -12.18 -25.71 -6.37
CA GLY C 176 -12.37 -26.74 -5.34
C GLY C 176 -13.27 -26.24 -4.25
N ASN C 177 -13.21 -26.89 -3.10
CA ASN C 177 -14.04 -26.48 -1.98
C ASN C 177 -13.34 -26.40 -0.64
N GLY C 178 -14.00 -25.73 0.29
CA GLY C 178 -13.37 -25.40 1.55
C GLY C 178 -14.40 -25.33 2.63
N ASN C 179 -14.01 -25.71 3.83
CA ASN C 179 -14.87 -25.45 4.96
CA ASN C 179 -14.89 -25.55 4.93
C ASN C 179 -14.09 -25.13 6.18
N ILE C 180 -14.72 -24.33 7.05
CA ILE C 180 -14.10 -23.81 8.25
C ILE C 180 -14.96 -24.13 9.45
N LYS C 181 -14.35 -24.71 10.47
CA LYS C 181 -15.10 -25.35 11.54
C LYS C 181 -14.66 -24.68 12.82
N LEU C 182 -15.63 -24.13 13.52
CA LEU C 182 -15.41 -23.39 14.76
C LEU C 182 -16.06 -24.09 15.93
N SER C 183 -15.34 -24.22 17.04
CA SER C 183 -15.89 -24.87 18.24
C SER C 183 -15.98 -23.85 19.35
N GLN C 184 -16.84 -24.14 20.32
CA GLN C 184 -16.94 -23.36 21.55
C GLN C 184 -15.64 -23.41 22.36
N THR C 185 -15.26 -22.26 22.93
CA THR C 185 -14.08 -22.19 23.79
C THR C 185 -14.42 -22.58 25.21
N GLU C 193 -11.99 -12.90 22.88
CA GLU C 193 -11.40 -14.05 22.14
C GLU C 193 -12.20 -15.36 22.18
N ALA C 194 -13.34 -15.34 22.85
CA ALA C 194 -14.15 -16.54 23.02
C ALA C 194 -15.12 -16.70 21.86
N VAL C 195 -15.51 -17.94 21.63
CA VAL C 195 -16.57 -18.25 20.69
C VAL C 195 -17.69 -18.93 21.46
N THR C 196 -18.91 -18.43 21.30
CA THR C 196 -20.04 -18.82 22.13
C THR C 196 -21.21 -19.16 21.23
N ILE C 197 -21.95 -20.21 21.56
CA ILE C 197 -23.06 -20.66 20.72
C ILE C 197 -24.30 -21.02 21.53
N GLU C 198 -25.45 -20.54 21.09
CA GLU C 198 -26.72 -20.72 21.79
C GLU C 198 -27.71 -21.32 20.82
N MET C 199 -27.92 -22.61 20.94
CA MET C 199 -28.62 -23.37 19.91
C MET C 199 -29.93 -23.91 20.46
N ASN C 200 -31.04 -23.30 20.04
CA ASN C 200 -32.37 -23.87 20.30
CA ASN C 200 -32.36 -23.87 20.32
C ASN C 200 -32.60 -25.09 19.43
N GLU C 201 -32.28 -24.96 18.14
CA GLU C 201 -32.38 -26.07 17.19
CA GLU C 201 -32.38 -26.06 17.18
C GLU C 201 -31.42 -25.86 16.01
N PRO C 202 -30.96 -26.97 15.41
CA PRO C 202 -29.95 -26.83 14.33
C PRO C 202 -30.50 -26.11 13.11
N VAL C 203 -29.59 -25.52 12.33
CA VAL C 203 -29.97 -24.71 11.19
C VAL C 203 -28.89 -24.77 10.14
N GLN C 204 -29.31 -24.70 8.88
CA GLN C 204 -28.40 -24.64 7.76
C GLN C 204 -28.85 -23.65 6.68
N LEU C 205 -28.08 -22.59 6.46
CA LEU C 205 -28.47 -21.56 5.49
C LEU C 205 -27.36 -21.19 4.54
N THR C 206 -27.75 -20.61 3.41
CA THR C 206 -26.84 -20.29 2.36
C THR C 206 -26.96 -18.81 2.02
N PHE C 207 -25.81 -18.12 1.98
CA PHE C 207 -25.77 -16.66 1.82
C PHE C 207 -24.70 -16.25 0.83
N ALA C 208 -24.91 -15.08 0.23
CA ALA C 208 -23.94 -14.48 -0.69
C ALA C 208 -22.76 -13.86 0.10
N LEU C 209 -21.57 -14.39 -0.13
CA LEU C 209 -20.35 -13.83 0.44
C LEU C 209 -20.07 -12.35 0.06
N ARG C 210 -20.45 -11.94 -1.13
CA ARG C 210 -20.26 -10.56 -1.53
C ARG C 210 -20.82 -9.59 -0.48
N TYR C 211 -22.01 -9.92 0.03
CA TYR C 211 -22.71 -9.08 1.00
C TYR C 211 -22.12 -9.18 2.42
N LEU C 212 -21.70 -10.38 2.82
CA LEU C 212 -21.03 -10.51 4.12
C LEU C 212 -19.71 -9.72 4.16
N ASN C 213 -18.94 -9.71 3.07
CA ASN C 213 -17.74 -8.91 3.02
C ASN C 213 -18.00 -7.40 3.06
N PHE C 214 -19.13 -6.92 2.55
CA PHE C 214 -19.51 -5.54 2.87
C PHE C 214 -19.75 -5.38 4.37
N PHE C 215 -20.47 -6.31 5.00
CA PHE C 215 -20.80 -6.11 6.41
C PHE C 215 -19.54 -5.99 7.25
N THR C 216 -18.53 -6.80 6.97
CA THR C 216 -17.32 -6.86 7.83
C THR C 216 -16.47 -5.61 7.74
N LYS C 217 -16.79 -4.68 6.84
CA LYS C 217 -16.25 -3.29 6.94
C LYS C 217 -16.60 -2.59 8.27
N ALA C 218 -17.54 -3.15 9.04
CA ALA C 218 -17.86 -2.60 10.38
C ALA C 218 -16.95 -3.08 11.46
N THR C 219 -16.03 -4.01 11.10
CA THR C 219 -15.15 -4.69 12.07
C THR C 219 -14.42 -3.73 13.05
N PRO C 220 -13.96 -2.56 12.55
CA PRO C 220 -13.22 -1.69 13.48
C PRO C 220 -14.08 -1.12 14.62
N LEU C 221 -15.39 -1.23 14.54
CA LEU C 221 -16.25 -0.72 15.58
C LEU C 221 -16.31 -1.57 16.83
N SER C 222 -15.92 -2.83 16.75
CA SER C 222 -16.22 -3.78 17.83
C SER C 222 -15.31 -4.98 17.76
N SER C 223 -14.86 -5.41 18.93
CA SER C 223 -14.11 -6.66 19.12
C SER C 223 -14.89 -7.91 18.77
N THR C 224 -16.20 -7.86 18.94
CA THR C 224 -16.99 -9.03 18.76
C THR C 224 -18.09 -8.77 17.74
N VAL C 225 -18.70 -9.86 17.28
CA VAL C 225 -19.82 -9.82 16.37
C VAL C 225 -20.74 -10.95 16.71
N THR C 226 -22.02 -10.74 16.44
CA THR C 226 -23.05 -11.71 16.79
C THR C 226 -23.81 -12.07 15.54
N LEU C 227 -23.92 -13.36 15.27
CA LEU C 227 -24.63 -13.83 14.10
C LEU C 227 -25.86 -14.49 14.65
N SER C 228 -27.02 -14.20 14.09
CA SER C 228 -28.28 -14.80 14.56
C SER C 228 -29.04 -15.42 13.40
N MET C 229 -29.47 -16.67 13.54
CA MET C 229 -30.04 -17.44 12.44
C MET C 229 -31.25 -18.24 12.84
N SER C 230 -32.22 -18.30 11.92
CA SER C 230 -33.23 -19.34 11.91
C SER C 230 -33.53 -19.73 10.48
N ALA C 231 -34.16 -20.88 10.33
CA ALA C 231 -34.49 -21.42 9.02
C ALA C 231 -35.29 -20.41 8.22
N ASP C 232 -34.85 -20.21 6.98
CA ASP C 232 -35.59 -19.43 5.98
C ASP C 232 -35.78 -17.93 6.26
N VAL C 233 -35.00 -17.38 7.19
CA VAL C 233 -35.06 -15.95 7.47
C VAL C 233 -33.68 -15.26 7.44
N PRO C 234 -33.71 -13.92 7.24
CA PRO C 234 -32.45 -13.21 7.12
C PRO C 234 -31.51 -13.48 8.30
N LEU C 235 -30.26 -13.73 7.94
CA LEU C 235 -29.14 -13.66 8.87
C LEU C 235 -29.05 -12.26 9.44
N VAL C 236 -28.78 -12.17 10.74
CA VAL C 236 -28.51 -10.91 11.41
C VAL C 236 -27.08 -10.92 11.87
N VAL C 237 -26.33 -9.91 11.40
CA VAL C 237 -24.97 -9.71 11.80
C VAL C 237 -24.92 -8.39 12.52
N GLU C 238 -24.51 -8.41 13.78
CA GLU C 238 -24.56 -7.22 14.63
C GLU C 238 -23.25 -6.84 15.28
N TYR C 239 -22.88 -5.57 15.13
CA TYR C 239 -21.76 -5.00 15.85
C TYR C 239 -22.28 -4.00 16.87
N LYS C 240 -21.89 -4.20 18.12
CA LYS C 240 -22.09 -3.18 19.17
C LYS C 240 -21.13 -2.03 19.01
N ILE C 241 -21.69 -0.84 19.14
CA ILE C 241 -20.89 0.36 19.27
C ILE C 241 -20.94 0.80 20.73
N ALA C 242 -19.87 0.52 21.46
CA ALA C 242 -19.90 0.53 22.89
C ALA C 242 -20.33 1.87 23.43
N ASP C 243 -21.34 1.83 24.30
CA ASP C 243 -21.87 3.02 24.98
C ASP C 243 -22.55 3.98 24.02
N MET C 244 -23.05 3.48 22.92
CA MET C 244 -23.75 4.31 21.94
C MET C 244 -24.90 3.66 21.18
N GLY C 245 -24.67 2.46 20.69
CA GLY C 245 -25.67 1.73 19.96
C GLY C 245 -25.12 0.52 19.25
N HIS C 246 -25.56 0.36 18.02
CA HIS C 246 -25.24 -0.80 17.27
C HIS C 246 -25.39 -0.56 15.80
N LEU C 247 -24.72 -1.43 15.06
CA LEU C 247 -24.87 -1.53 13.64
C LEU C 247 -25.24 -2.96 13.32
N LYS C 248 -26.40 -3.13 12.67
CA LYS C 248 -27.05 -4.42 12.44
C LYS C 248 -27.28 -4.60 10.96
N TYR C 249 -26.86 -5.75 10.44
CA TYR C 249 -27.04 -6.05 9.02
C TYR C 249 -27.85 -7.32 8.88
N TYR C 250 -28.80 -7.30 7.95
CA TYR C 250 -29.67 -8.42 7.69
C TYR C 250 -29.45 -8.82 6.25
N LEU C 251 -29.35 -10.12 6.02
CA LEU C 251 -29.09 -10.65 4.69
C LEU C 251 -30.07 -11.77 4.38
N ALA C 252 -30.88 -11.57 3.35
CA ALA C 252 -31.79 -12.59 2.88
C ALA C 252 -30.99 -13.83 2.50
N PRO C 253 -31.51 -15.02 2.85
CA PRO C 253 -30.88 -16.25 2.37
C PRO C 253 -30.99 -16.45 0.85
N LYS C 254 -29.99 -17.12 0.30
CA LYS C 254 -30.00 -17.52 -1.11
C LYS C 254 -30.92 -18.74 -1.37
N ILE C 255 -31.60 -18.75 -2.52
CA ILE C 255 -32.10 -20.00 -3.12
C ILE C 255 -31.57 -20.24 -4.55
N GLY D 1 -31.98 -16.72 -5.86
CA GLY D 1 -32.43 -15.30 -6.06
C GLY D 1 -32.82 -14.64 -4.75
N SER D 2 -31.83 -14.17 -4.00
CA SER D 2 -32.08 -13.67 -2.66
C SER D 2 -32.74 -12.31 -2.79
N ASP D 3 -33.66 -12.02 -1.88
CA ASP D 3 -34.46 -10.79 -1.92
C ASP D 3 -35.11 -10.58 -0.56
N ILE D 4 -34.73 -9.50 0.11
CA ILE D 4 -35.09 -9.30 1.51
C ILE D 4 -36.44 -8.61 1.66
N THR D 5 -36.99 -8.09 0.57
CA THR D 5 -38.20 -7.26 0.65
C THR D 5 -39.33 -8.08 1.23
N ARG D 6 -39.55 -9.26 0.66
CA ARG D 6 -40.51 -10.24 1.17
C ARG D 6 -40.56 -10.37 2.68
N PHE D 7 -39.47 -10.05 3.39
CA PHE D 7 -39.44 -10.15 4.86
C PHE D 7 -39.73 -8.83 5.57
N LEU D 8 -40.02 -7.79 4.81
CA LEU D 8 -40.17 -6.46 5.39
C LEU D 8 -41.58 -6.21 5.95
N VAL D 9 -41.62 -5.71 7.18
CA VAL D 9 -42.88 -5.49 7.92
C VAL D 9 -43.21 -3.99 7.98
N LYS D 10 -44.46 -3.67 7.65
CA LYS D 10 -44.93 -2.28 7.57
C LYS D 10 -45.14 -1.71 8.96
N LYS D 11 -44.06 -1.16 9.52
CA LYS D 11 -44.06 -0.69 10.90
C LYS D 11 -43.77 0.81 10.94
N MET E 1 34.70 20.10 -14.93
CA MET E 1 34.93 19.21 -13.76
C MET E 1 34.18 19.70 -12.51
N PHE E 2 33.43 18.76 -11.92
CA PHE E 2 32.42 19.03 -10.90
C PHE E 2 32.21 17.78 -10.03
N GLU E 3 32.22 17.97 -8.73
CA GLU E 3 32.21 16.90 -7.78
C GLU E 3 31.67 17.41 -6.46
N ALA E 4 30.57 16.80 -6.05
CA ALA E 4 29.85 17.19 -4.84
C ALA E 4 29.47 15.90 -4.10
N ARG E 5 29.90 15.81 -2.85
CA ARG E 5 29.58 14.69 -2.01
C ARG E 5 28.60 15.17 -1.01
N LEU E 6 27.51 14.44 -0.80
N LEU E 6 27.57 14.34 -0.86
CA LEU E 6 26.49 15.03 0.07
CA LEU E 6 26.37 14.63 -0.15
C LEU E 6 26.51 14.75 1.60
C LEU E 6 26.11 13.46 0.81
N VAL E 7 26.41 15.85 2.38
N VAL E 7 26.70 13.50 2.00
CA VAL E 7 26.00 15.83 3.79
CA VAL E 7 26.52 12.43 2.99
C VAL E 7 25.00 14.76 4.19
C VAL E 7 25.05 12.03 3.25
N GLN E 8 23.98 14.52 3.37
N GLN E 8 24.16 13.03 3.33
CA GLN E 8 23.23 13.23 3.41
CA GLN E 8 22.75 12.83 3.67
C GLN E 8 22.32 12.97 2.21
C GLN E 8 22.16 12.89 2.29
N GLY E 9 22.35 11.78 1.59
CA GLY E 9 21.79 11.65 0.26
C GLY E 9 20.27 11.66 0.14
N SER E 10 19.58 11.28 1.21
CA SER E 10 18.09 11.29 1.26
C SER E 10 17.53 12.64 0.82
N ILE E 11 18.25 13.68 1.20
CA ILE E 11 17.88 15.04 0.88
C ILE E 11 17.69 15.23 -0.60
N LEU E 12 18.60 14.69 -1.38
CA LEU E 12 18.51 14.75 -2.81
C LEU E 12 17.40 13.85 -3.38
N LYS E 13 17.12 12.75 -2.70
CA LYS E 13 15.97 11.91 -3.07
C LYS E 13 14.67 12.71 -2.97
N LYS E 14 14.54 13.42 -1.86
CA LYS E 14 13.34 14.19 -1.58
C LYS E 14 13.18 15.38 -2.48
N VAL E 15 14.28 16.09 -2.72
CA VAL E 15 14.26 17.14 -3.71
C VAL E 15 13.71 16.65 -5.06
N LEU E 16 14.20 15.54 -5.57
CA LEU E 16 13.71 15.05 -6.87
C LEU E 16 12.26 14.55 -6.86
N GLU E 17 11.83 13.88 -5.78
CA GLU E 17 10.41 13.55 -5.62
C GLU E 17 9.60 14.86 -5.68
N ALA E 18 10.11 15.90 -5.04
CA ALA E 18 9.40 17.16 -4.95
C ALA E 18 9.26 17.95 -6.29
N LEU E 19 10.02 17.56 -7.31
CA LEU E 19 10.10 18.32 -8.56
C LEU E 19 9.50 17.59 -9.76
N LYS E 20 9.71 16.28 -9.83
CA LYS E 20 9.46 15.55 -11.07
C LYS E 20 7.99 15.51 -11.45
N ASP E 21 7.13 15.70 -10.46
CA ASP E 21 5.70 15.78 -10.73
C ASP E 21 5.25 17.17 -11.30
N LEU E 22 6.10 18.18 -11.16
CA LEU E 22 5.81 19.54 -11.59
C LEU E 22 6.55 19.90 -12.88
N ILE E 23 7.76 19.36 -13.07
CA ILE E 23 8.70 19.70 -14.19
C ILE E 23 9.29 18.44 -14.82
N ASN E 24 9.33 18.34 -16.16
CA ASN E 24 9.90 17.17 -16.84
C ASN E 24 11.40 17.30 -16.93
N GLU E 25 11.81 18.48 -17.43
CA GLU E 25 13.17 18.78 -17.81
C GLU E 25 13.58 20.17 -17.32
N ALA E 26 14.73 20.24 -16.68
CA ALA E 26 15.24 21.48 -16.16
C ALA E 26 16.75 21.56 -16.21
N CYS E 27 17.24 22.79 -16.07
CA CYS E 27 18.65 23.08 -15.96
C CYS E 27 19.13 23.15 -14.54
N TRP E 28 20.16 22.36 -14.25
CA TRP E 28 20.90 22.47 -13.01
C TRP E 28 22.11 23.36 -13.20
N ASP E 29 22.05 24.55 -12.64
CA ASP E 29 23.13 25.54 -12.75
C ASP E 29 24.15 25.32 -11.66
N ILE E 30 25.32 24.81 -12.05
CA ILE E 30 26.40 24.59 -11.13
C ILE E 30 27.42 25.72 -11.16
N SER E 31 27.91 26.06 -9.99
CA SER E 31 28.96 27.05 -9.85
C SER E 31 29.67 26.82 -8.53
N SER E 32 30.61 27.71 -8.23
CA SER E 32 31.46 27.59 -7.06
C SER E 32 30.67 27.70 -5.77
N SER E 33 29.57 28.44 -5.84
CA SER E 33 28.81 28.75 -4.67
C SER E 33 27.71 27.69 -4.48
N GLY E 34 27.40 26.96 -5.54
CA GLY E 34 26.61 25.75 -5.41
C GLY E 34 25.66 25.48 -6.55
N VAL E 35 24.53 24.88 -6.22
CA VAL E 35 23.56 24.40 -7.18
C VAL E 35 22.27 25.24 -7.12
N ASN E 36 21.84 25.66 -8.30
CA ASN E 36 20.66 26.46 -8.46
CA ASN E 36 20.64 26.48 -8.46
C ASN E 36 19.86 25.91 -9.62
N LEU E 37 18.55 25.82 -9.42
CA LEU E 37 17.66 25.35 -10.46
C LEU E 37 16.44 26.23 -10.37
N GLN E 38 15.94 26.64 -11.52
CA GLN E 38 14.80 27.54 -11.58
C GLN E 38 13.97 27.26 -12.84
N SER E 39 12.69 27.02 -12.68
CA SER E 39 11.89 26.59 -13.82
C SER E 39 10.39 26.77 -13.59
N MET E 40 9.70 27.13 -14.66
CA MET E 40 8.24 27.11 -14.70
C MET E 40 7.77 25.72 -15.02
N ASP E 41 6.60 25.37 -14.53
CA ASP E 41 5.89 24.18 -15.01
C ASP E 41 5.42 24.44 -16.43
N SER E 42 4.96 23.41 -17.12
CA SER E 42 4.69 23.52 -18.55
C SER E 42 3.44 24.30 -18.90
N SER E 43 2.60 24.52 -17.91
CA SER E 43 1.40 25.32 -18.11
CA SER E 43 1.40 25.31 -18.08
C SER E 43 1.60 26.75 -17.64
N HIS E 44 2.80 27.09 -17.18
CA HIS E 44 3.21 28.48 -16.91
C HIS E 44 2.29 29.13 -15.87
N VAL E 45 1.97 28.36 -14.85
CA VAL E 45 1.12 28.79 -13.76
C VAL E 45 1.99 29.04 -12.54
N SER E 46 3.11 28.31 -12.46
CA SER E 46 3.95 28.30 -11.28
C SER E 46 5.43 28.33 -11.66
N LEU E 47 6.25 28.68 -10.69
CA LEU E 47 7.69 28.68 -10.88
C LEU E 47 8.34 28.05 -9.67
N VAL E 48 9.39 27.28 -9.91
CA VAL E 48 10.06 26.59 -8.82
C VAL E 48 11.49 27.02 -8.84
N GLN E 49 12.02 27.22 -7.65
CA GLN E 49 13.35 27.71 -7.48
C GLN E 49 14.05 26.94 -6.39
N LEU E 50 15.16 26.29 -6.74
CA LEU E 50 15.93 25.48 -5.81
C LEU E 50 17.33 26.06 -5.61
N THR E 51 17.74 26.12 -4.36
CA THR E 51 19.07 26.56 -3.99
C THR E 51 19.72 25.53 -3.08
N LEU E 52 20.88 24.99 -3.49
CA LEU E 52 21.74 24.19 -2.61
C LEU E 52 23.17 24.75 -2.55
N ARG E 53 23.52 25.38 -1.43
CA ARG E 53 24.83 26.02 -1.26
CA ARG E 53 24.83 26.03 -1.30
C ARG E 53 25.96 25.01 -1.14
N SER E 54 27.13 25.36 -1.70
CA SER E 54 28.27 24.45 -1.71
C SER E 54 28.67 24.08 -0.30
N GLU E 55 28.58 25.05 0.59
CA GLU E 55 29.00 24.83 1.96
C GLU E 55 28.10 23.86 2.72
N GLY E 56 26.91 23.56 2.22
CA GLY E 56 26.07 22.47 2.78
C GLY E 56 26.47 21.03 2.41
N PHE E 57 27.26 20.91 1.36
CA PHE E 57 27.83 19.63 0.95
C PHE E 57 29.04 19.29 1.81
N ASP E 58 29.44 18.03 1.77
CA ASP E 58 30.55 17.57 2.60
C ASP E 58 31.84 17.92 1.95
N THR E 59 31.91 17.69 0.64
CA THR E 59 32.95 18.28 -0.21
C THR E 59 32.32 18.75 -1.52
N TYR E 60 32.94 19.77 -2.14
CA TYR E 60 32.33 20.47 -3.28
C TYR E 60 33.35 21.14 -4.13
N ARG E 61 33.44 20.70 -5.38
CA ARG E 61 34.42 21.20 -6.32
C ARG E 61 33.70 21.56 -7.61
N CYS E 62 33.81 22.82 -8.04
CA CYS E 62 33.28 23.19 -9.32
C CYS E 62 34.25 24.14 -10.01
N ASP E 63 34.99 23.63 -10.99
CA ASP E 63 36.08 24.35 -11.63
C ASP E 63 35.56 25.25 -12.72
N ARG E 64 34.48 24.84 -13.37
CA ARG E 64 33.77 25.74 -14.23
C ARG E 64 32.26 25.61 -14.11
N ASN E 65 31.59 26.70 -14.48
CA ASN E 65 30.16 26.83 -14.35
C ASN E 65 29.46 26.01 -15.41
N LEU E 66 28.41 25.29 -14.99
CA LEU E 66 27.73 24.37 -15.89
CA LEU E 66 27.74 24.36 -15.88
C LEU E 66 26.22 24.52 -15.82
N ALA E 67 25.57 24.48 -16.98
CA ALA E 67 24.12 24.34 -17.09
C ALA E 67 23.77 22.94 -17.57
N MET E 68 23.60 22.02 -16.64
CA MET E 68 23.32 20.62 -16.98
C MET E 68 21.84 20.38 -17.15
N GLY E 69 21.46 19.88 -18.32
CA GLY E 69 20.07 19.78 -18.70
C GLY E 69 19.63 18.37 -18.38
N VAL E 70 18.64 18.27 -17.52
CA VAL E 70 18.32 17.02 -16.89
C VAL E 70 16.87 16.65 -17.07
N ASN E 71 16.64 15.42 -17.53
CA ASN E 71 15.32 14.77 -17.33
C ASN E 71 15.07 14.42 -15.87
N LEU E 72 14.18 15.16 -15.22
CA LEU E 72 14.03 15.04 -13.77
C LEU E 72 13.37 13.74 -13.43
N THR E 73 12.63 13.19 -14.40
CA THR E 73 11.98 11.90 -14.21
C THR E 73 13.04 10.81 -14.18
N SER E 74 13.89 10.78 -15.20
CA SER E 74 15.05 9.91 -15.20
C SER E 74 15.87 10.06 -13.92
N MET E 75 16.19 11.28 -13.52
CA MET E 75 17.11 11.42 -12.41
C MET E 75 16.46 10.83 -11.18
N SER E 76 15.17 11.07 -11.01
CA SER E 76 14.42 10.51 -9.85
C SER E 76 14.39 8.99 -9.83
N LYS E 77 14.30 8.38 -11.00
CA LYS E 77 14.40 6.93 -11.12
C LYS E 77 15.75 6.39 -10.69
N ILE E 78 16.82 7.09 -11.05
CA ILE E 78 18.15 6.65 -10.67
C ILE E 78 18.31 6.79 -9.17
N LEU E 79 17.83 7.89 -8.64
CA LEU E 79 17.90 8.11 -7.19
C LEU E 79 17.11 7.09 -6.38
N LYS E 80 16.14 6.41 -6.98
CA LYS E 80 15.47 5.27 -6.31
C LYS E 80 16.35 4.04 -6.14
N CYS E 81 17.32 3.87 -7.03
CA CYS E 81 18.39 2.91 -6.80
C CYS E 81 19.41 3.31 -5.70
N ALA E 82 19.13 4.35 -4.94
CA ALA E 82 19.98 4.68 -3.80
C ALA E 82 19.25 4.35 -2.51
N GLY E 83 19.98 3.70 -1.60
CA GLY E 83 19.54 3.52 -0.22
C GLY E 83 19.33 4.86 0.45
N ASN E 84 18.43 4.91 1.43
CA ASN E 84 18.17 6.13 2.17
C ASN E 84 19.32 6.56 3.12
N GLU E 85 20.28 5.66 3.35
CA GLU E 85 21.45 5.92 4.18
C GLU E 85 22.71 5.94 3.33
N ASP E 86 22.56 5.88 2.01
CA ASP E 86 23.73 5.90 1.15
C ASP E 86 24.38 7.29 1.13
N ILE E 87 25.68 7.31 0.88
CA ILE E 87 26.38 8.54 0.56
C ILE E 87 26.35 8.78 -0.94
N ILE E 88 26.04 10.01 -1.34
CA ILE E 88 25.78 10.30 -2.74
C ILE E 88 26.74 11.35 -3.22
N THR E 89 27.29 11.08 -4.39
CA THR E 89 28.24 11.91 -5.01
C THR E 89 27.78 12.14 -6.42
N LEU E 90 27.79 13.42 -6.84
CA LEU E 90 27.56 13.79 -8.22
C LEU E 90 28.89 14.09 -8.83
N ARG E 91 29.04 13.76 -10.10
CA ARG E 91 30.27 13.99 -10.76
C ARG E 91 29.98 14.27 -12.23
N ALA E 92 30.61 15.30 -12.78
CA ALA E 92 30.58 15.57 -14.21
C ALA E 92 32.00 15.89 -14.63
N GLU E 93 32.50 15.24 -15.69
CA GLU E 93 33.80 15.60 -16.31
C GLU E 93 33.65 16.82 -17.24
N ASP E 94 34.77 17.43 -17.65
CA ASP E 94 34.73 18.70 -18.44
C ASP E 94 33.85 18.62 -19.70
N ASN E 95 34.01 17.55 -20.46
CA ASN E 95 33.28 17.35 -21.69
C ASN E 95 32.12 16.41 -21.41
N ALA E 96 31.21 16.90 -20.56
CA ALA E 96 30.07 16.12 -20.10
C ALA E 96 28.78 16.41 -20.88
N ASP E 97 28.39 15.38 -21.63
CA ASP E 97 26.99 15.09 -21.90
C ASP E 97 26.42 14.07 -20.91
N THR E 98 27.16 13.71 -19.86
CA THR E 98 26.63 12.79 -18.86
C THR E 98 26.91 13.24 -17.43
N LEU E 99 25.94 13.00 -16.56
CA LEU E 99 26.13 13.20 -15.14
C LEU E 99 26.25 11.87 -14.41
N ALA E 100 27.29 11.71 -13.62
CA ALA E 100 27.52 10.48 -12.85
C ALA E 100 26.94 10.63 -11.45
N LEU E 101 26.16 9.65 -11.02
CA LEU E 101 25.72 9.59 -9.64
C LEU E 101 26.30 8.35 -8.99
N VAL E 102 26.99 8.52 -7.88
CA VAL E 102 27.66 7.41 -7.23
C VAL E 102 27.11 7.24 -5.83
N PHE E 103 26.65 6.01 -5.53
CA PHE E 103 25.98 5.67 -4.26
C PHE E 103 26.80 4.70 -3.45
N GLU E 104 27.28 5.13 -2.30
CA GLU E 104 28.13 4.31 -1.45
CA GLU E 104 28.11 4.30 -1.44
C GLU E 104 27.29 3.85 -0.27
N ALA E 105 27.20 2.55 -0.08
CA ALA E 105 26.43 2.03 1.00
C ALA E 105 27.19 2.21 2.31
N PRO E 106 26.45 2.33 3.43
CA PRO E 106 27.10 2.49 4.72
C PRO E 106 28.10 1.37 5.04
N ASN E 107 27.77 0.14 4.67
CA ASN E 107 28.67 -1.00 4.92
C ASN E 107 29.98 -0.99 4.10
N GLN E 108 30.09 -0.08 3.13
CA GLN E 108 31.34 0.13 2.37
C GLN E 108 31.57 -0.88 1.25
N GLU E 109 30.82 -1.97 1.26
CA GLU E 109 31.11 -3.10 0.37
C GLU E 109 30.29 -3.03 -0.90
N LYS E 110 29.25 -2.20 -0.90
CA LYS E 110 28.47 -1.91 -2.10
C LYS E 110 28.69 -0.44 -2.62
N VAL E 111 29.18 -0.34 -3.86
CA VAL E 111 29.22 0.93 -4.58
C VAL E 111 28.50 0.81 -5.92
N SER E 112 27.55 1.71 -6.16
CA SER E 112 26.81 1.78 -7.42
C SER E 112 27.23 3.04 -8.18
N ASP E 113 27.28 2.92 -9.50
CA ASP E 113 27.58 4.05 -10.39
CA ASP E 113 27.63 4.04 -10.40
C ASP E 113 26.51 4.16 -11.44
N TYR E 114 25.84 5.29 -11.54
CA TYR E 114 24.90 5.50 -12.63
C TYR E 114 25.34 6.67 -13.51
N GLU E 115 25.38 6.47 -14.82
CA GLU E 115 25.65 7.56 -15.74
C GLU E 115 24.39 7.94 -16.46
N MET E 116 23.91 9.14 -16.18
CA MET E 116 22.70 9.64 -16.80
C MET E 116 23.03 10.52 -17.97
N LYS E 117 22.37 10.30 -19.09
CA LYS E 117 22.58 11.14 -20.26
C LYS E 117 21.99 12.52 -19.99
N LEU E 118 22.64 13.57 -20.45
CA LEU E 118 22.10 14.91 -20.30
C LEU E 118 21.42 15.34 -21.58
N MET E 119 20.90 16.57 -21.57
CA MET E 119 20.46 17.20 -22.81
C MET E 119 20.70 18.70 -22.78
N ASP E 120 20.64 19.33 -23.94
CA ASP E 120 20.84 20.78 -24.04
C ASP E 120 19.53 21.48 -23.97
N LEU E 121 19.37 22.32 -22.96
CA LEU E 121 18.17 23.12 -22.80
C LEU E 121 18.56 24.58 -22.87
N ASP E 122 17.75 25.38 -23.56
CA ASP E 122 18.09 26.80 -23.79
C ASP E 122 17.35 27.68 -22.79
N VAL E 123 17.40 27.32 -21.51
CA VAL E 123 16.58 28.01 -20.52
C VAL E 123 17.26 29.33 -20.16
N GLU E 124 16.86 30.38 -20.88
CA GLU E 124 17.04 31.75 -20.42
C GLU E 124 16.11 31.99 -19.22
N GLN E 125 16.70 31.91 -18.04
CA GLN E 125 15.93 31.88 -16.81
C GLN E 125 15.53 33.29 -16.34
N LEU E 126 14.23 33.49 -16.21
CA LEU E 126 13.65 34.66 -15.56
C LEU E 126 13.18 34.23 -14.17
N GLY E 127 12.98 35.19 -13.29
CA GLY E 127 12.56 34.90 -11.92
C GLY E 127 11.64 35.95 -11.36
N ILE E 128 11.06 35.65 -10.20
CA ILE E 128 10.29 36.64 -9.48
C ILE E 128 11.29 37.51 -8.73
N PRO E 129 11.20 38.82 -8.92
CA PRO E 129 12.01 39.69 -8.10
C PRO E 129 11.66 39.61 -6.60
N GLU E 130 12.70 39.76 -5.77
CA GLU E 130 12.56 39.75 -4.32
C GLU E 130 11.69 40.93 -3.84
N GLN E 131 10.97 40.72 -2.74
CA GLN E 131 10.09 41.73 -2.18
C GLN E 131 9.64 41.33 -0.76
N GLU E 132 8.97 42.26 -0.08
CA GLU E 132 8.35 41.99 1.22
C GLU E 132 6.86 41.87 1.05
N TYR E 133 6.27 40.99 1.84
CA TYR E 133 4.91 40.58 1.61
C TYR E 133 4.02 41.11 2.72
N SER E 134 2.79 41.49 2.36
CA SER E 134 1.76 41.83 3.34
C SER E 134 1.60 40.77 4.43
N CYS E 135 1.63 39.50 4.04
CA CYS E 135 1.38 38.40 4.96
C CYS E 135 2.40 37.30 4.85
N VAL E 136 2.86 36.85 6.00
CA VAL E 136 3.80 35.74 6.06
C VAL E 136 3.40 34.79 7.16
N VAL E 137 3.15 33.54 6.79
CA VAL E 137 2.63 32.53 7.72
C VAL E 137 3.67 31.42 7.81
N LYS E 138 4.09 31.10 9.02
CA LYS E 138 4.94 29.94 9.26
C LYS E 138 4.17 28.89 10.05
N MET E 139 4.19 27.65 9.58
CA MET E 139 3.38 26.59 10.15
C MET E 139 4.00 25.23 9.89
N PRO E 140 3.50 24.19 10.59
CA PRO E 140 4.06 22.88 10.34
C PRO E 140 3.74 22.45 8.93
N SER E 141 4.72 21.88 8.26
CA SER E 141 4.57 21.53 6.87
C SER E 141 3.50 20.49 6.66
N GLY E 142 3.42 19.53 7.56
CA GLY E 142 2.40 18.48 7.51
C GLY E 142 0.97 18.97 7.66
N GLU E 143 0.77 19.95 8.52
CA GLU E 143 -0.55 20.60 8.68
C GLU E 143 -0.93 21.30 7.39
N PHE E 144 0.00 22.03 6.78
CA PHE E 144 -0.32 22.65 5.49
C PHE E 144 -0.68 21.66 4.40
N ALA E 145 0.04 20.55 4.33
CA ALA E 145 -0.26 19.51 3.35
C ALA E 145 -1.66 18.92 3.57
N ARG E 146 -2.03 18.69 4.80
CA ARG E 146 -3.34 18.09 5.09
C ARG E 146 -4.50 19.05 4.73
N ILE E 147 -4.31 20.31 4.98
CA ILE E 147 -5.23 21.33 4.55
C ILE E 147 -5.46 21.28 3.04
N CYS E 148 -4.37 21.37 2.27
CA CYS E 148 -4.52 21.38 0.81
C CYS E 148 -5.15 20.08 0.35
N ARG E 149 -4.79 18.98 0.99
CA ARG E 149 -5.31 17.67 0.61
CA ARG E 149 -5.29 17.68 0.59
C ARG E 149 -6.82 17.60 0.91
N ASP E 150 -7.21 17.91 2.15
CA ASP E 150 -8.64 17.98 2.54
C ASP E 150 -9.46 18.84 1.56
N LEU E 151 -9.02 20.09 1.31
CA LEU E 151 -9.88 21.02 0.57
C LEU E 151 -9.99 20.61 -0.89
N SER E 152 -9.05 19.82 -1.36
CA SER E 152 -9.04 19.44 -2.78
C SER E 152 -10.11 18.39 -3.05
N HIS E 153 -10.65 17.82 -1.99
CA HIS E 153 -11.87 16.99 -2.10
C HIS E 153 -13.19 17.78 -2.11
N ILE E 154 -13.12 19.07 -1.88
CA ILE E 154 -14.26 19.90 -1.91
C ILE E 154 -14.35 20.68 -3.20
N GLY E 155 -13.27 21.31 -3.61
CA GLY E 155 -13.28 22.11 -4.82
C GLY E 155 -11.88 22.16 -5.40
N ASP E 156 -11.72 22.81 -6.55
CA ASP E 156 -10.42 22.94 -7.21
C ASP E 156 -9.66 24.23 -6.93
N ALA E 157 -10.29 25.10 -6.17
CA ALA E 157 -9.73 26.37 -5.83
C ALA E 157 -9.83 26.58 -4.33
N VAL E 158 -8.82 27.24 -3.76
CA VAL E 158 -8.86 27.60 -2.36
C VAL E 158 -8.74 29.11 -2.21
N VAL E 159 -9.66 29.70 -1.46
CA VAL E 159 -9.52 31.10 -1.12
C VAL E 159 -8.71 31.17 0.15
N ILE E 160 -7.61 31.89 0.12
CA ILE E 160 -6.86 32.15 1.34
C ILE E 160 -7.04 33.57 1.81
N SER E 161 -7.61 33.68 3.00
CA SER E 161 -7.88 34.97 3.66
CA SER E 161 -7.87 34.96 3.64
C SER E 161 -7.00 35.11 4.88
N CYS E 162 -6.15 36.12 4.89
CA CYS E 162 -5.31 36.39 6.04
C CYS E 162 -5.77 37.67 6.73
N ALA E 163 -6.26 37.52 7.96
CA ALA E 163 -6.42 38.63 8.92
C ALA E 163 -5.37 38.46 10.02
N LYS E 164 -5.58 39.08 11.18
CA LYS E 164 -4.49 39.21 12.17
C LYS E 164 -4.53 38.12 13.24
N ASP E 165 -5.70 37.90 13.82
CA ASP E 165 -5.96 36.72 14.71
C ASP E 165 -5.41 35.41 14.09
N GLY E 166 -5.59 35.26 12.77
CA GLY E 166 -5.41 33.98 12.09
C GLY E 166 -5.59 34.01 10.58
N VAL E 167 -5.63 32.82 9.99
CA VAL E 167 -5.72 32.66 8.53
C VAL E 167 -6.73 31.57 8.20
N LYS E 168 -7.45 31.76 7.10
CA LYS E 168 -8.56 30.91 6.74
C LYS E 168 -8.38 30.42 5.32
N PHE E 169 -8.66 29.13 5.12
CA PHE E 169 -8.61 28.49 3.82
C PHE E 169 -10.00 27.92 3.50
N SER E 170 -10.53 28.26 2.32
CA SER E 170 -11.86 27.80 1.98
C SER E 170 -12.07 27.41 0.54
N ALA E 171 -12.98 26.46 0.36
CA ALA E 171 -13.26 25.94 -0.95
C ALA E 171 -14.72 25.54 -1.08
N SER E 172 -15.11 25.24 -2.30
CA SER E 172 -16.49 25.12 -2.67
C SER E 172 -16.67 24.31 -3.96
N GLY E 173 -17.62 23.41 -3.98
CA GLY E 173 -17.90 22.59 -5.17
C GLY E 173 -19.19 21.79 -5.06
N GLU E 174 -19.32 20.77 -5.91
CA GLU E 174 -20.56 20.00 -6.06
C GLU E 174 -21.19 19.59 -4.73
N LEU E 175 -20.34 19.12 -3.82
CA LEU E 175 -20.82 18.50 -2.60
C LEU E 175 -20.91 19.42 -1.38
N GLY E 176 -20.78 20.73 -1.58
CA GLY E 176 -20.91 21.70 -0.51
C GLY E 176 -19.65 22.49 -0.36
N ASN E 177 -19.47 23.10 0.81
CA ASN E 177 -18.28 23.89 1.04
C ASN E 177 -17.62 23.67 2.37
N GLY E 178 -16.39 24.19 2.45
CA GLY E 178 -15.58 23.94 3.60
C GLY E 178 -14.71 25.12 3.87
N ASN E 179 -14.41 25.33 5.13
CA ASN E 179 -13.30 26.20 5.45
C ASN E 179 -12.56 25.74 6.67
N ILE E 180 -11.29 26.12 6.72
CA ILE E 180 -10.39 25.70 7.76
C ILE E 180 -9.75 26.95 8.33
N LYS E 181 -9.79 27.05 9.65
CA LYS E 181 -9.45 28.27 10.31
C LYS E 181 -8.31 27.95 11.26
N LEU E 182 -7.20 28.69 11.09
CA LEU E 182 -5.99 28.52 11.87
C LEU E 182 -5.70 29.76 12.70
N SER E 183 -5.35 29.56 13.97
CA SER E 183 -4.99 30.69 14.82
C SER E 183 -3.52 30.60 15.19
N GLN E 184 -2.96 31.73 15.58
CA GLN E 184 -1.65 31.78 16.20
C GLN E 184 -1.55 30.98 17.49
N THR E 185 -0.42 30.31 17.69
CA THR E 185 -0.11 29.68 18.96
C THR E 185 0.62 30.67 19.89
N SER E 186 -0.04 31.03 21.00
CA SER E 186 0.59 31.89 22.01
C SER E 186 1.53 31.05 22.87
N ASN E 187 1.00 29.94 23.37
CA ASN E 187 1.65 29.14 24.40
C ASN E 187 2.14 27.79 23.86
N VAL E 188 3.26 27.85 23.15
CA VAL E 188 3.84 26.65 22.49
C VAL E 188 4.27 25.61 23.54
N ASP E 189 4.57 24.40 23.08
CA ASP E 189 5.15 23.37 23.95
C ASP E 189 6.65 23.57 24.08
N GLU E 193 5.82 22.83 16.03
CA GLU E 193 4.36 22.77 16.05
C GLU E 193 3.63 24.13 16.16
N ALA E 194 4.35 25.23 16.07
CA ALA E 194 3.78 26.57 16.19
C ALA E 194 3.24 27.10 14.86
N VAL E 195 2.24 27.97 14.96
CA VAL E 195 1.72 28.68 13.82
C VAL E 195 1.92 30.16 14.07
N THR E 196 2.56 30.85 13.13
CA THR E 196 3.03 32.21 13.36
C THR E 196 2.56 33.07 12.21
N ILE E 197 2.11 34.28 12.49
CA ILE E 197 1.61 35.17 11.44
C ILE E 197 2.16 36.59 11.56
N GLU E 198 2.61 37.15 10.44
CA GLU E 198 3.18 38.50 10.37
C GLU E 198 2.41 39.31 9.33
N MET E 199 1.53 40.17 9.81
CA MET E 199 0.56 40.82 8.95
C MET E 199 0.80 42.33 8.87
N ASN E 200 1.31 42.80 7.74
CA ASN E 200 1.36 44.24 7.46
C ASN E 200 -0.04 44.77 7.14
N GLU E 201 -0.75 44.05 6.29
CA GLU E 201 -2.13 44.38 5.94
CA GLU E 201 -2.12 44.38 5.91
C GLU E 201 -2.88 43.13 5.48
N PRO E 202 -4.20 43.08 5.73
CA PRO E 202 -4.95 41.89 5.34
C PRO E 202 -4.91 41.60 3.86
N VAL E 203 -5.13 40.35 3.50
CA VAL E 203 -5.06 39.91 2.10
C VAL E 203 -5.98 38.73 1.87
N GLN E 204 -6.51 38.66 0.66
CA GLN E 204 -7.36 37.59 0.25
C GLN E 204 -7.09 37.15 -1.19
N LEU E 205 -6.63 35.91 -1.36
CA LEU E 205 -6.32 35.41 -2.69
C LEU E 205 -6.90 34.03 -2.99
N THR E 206 -6.97 33.71 -4.28
CA THR E 206 -7.56 32.46 -4.72
C THR E 206 -6.54 31.73 -5.58
N PHE E 207 -6.31 30.45 -5.25
CA PHE E 207 -5.31 29.65 -5.94
C PHE E 207 -5.84 28.28 -6.31
N ALA E 208 -5.26 27.72 -7.37
CA ALA E 208 -5.56 26.36 -7.77
C ALA E 208 -4.95 25.37 -6.77
N LEU E 209 -5.81 24.58 -6.14
CA LEU E 209 -5.38 23.45 -5.31
C LEU E 209 -4.52 22.37 -6.01
N ARG E 210 -4.77 22.12 -7.29
CA ARG E 210 -3.96 21.13 -8.02
C ARG E 210 -2.47 21.43 -7.85
N TYR E 211 -2.13 22.72 -7.93
CA TYR E 211 -0.73 23.15 -7.90
C TYR E 211 -0.16 23.15 -6.48
N LEU E 212 -0.98 23.55 -5.51
CA LEU E 212 -0.53 23.44 -4.11
C LEU E 212 -0.26 22.00 -3.69
N ASN E 213 -1.08 21.06 -4.13
CA ASN E 213 -0.75 19.65 -3.88
C ASN E 213 0.50 19.14 -4.57
N PHE E 214 0.90 19.72 -5.70
CA PHE E 214 2.27 19.43 -6.24
C PHE E 214 3.31 19.98 -5.27
N PHE E 215 3.13 21.20 -4.80
CA PHE E 215 4.15 21.80 -3.92
C PHE E 215 4.38 20.97 -2.66
N THR E 216 3.33 20.42 -2.07
CA THR E 216 3.46 19.75 -0.77
C THR E 216 4.18 18.43 -0.87
N LYS E 217 4.44 17.96 -2.07
CA LYS E 217 5.40 16.85 -2.25
C LYS E 217 6.80 17.18 -1.65
N ALA E 218 7.07 18.45 -1.37
CA ALA E 218 8.33 18.82 -0.71
C ALA E 218 8.31 18.64 0.80
N THR E 219 7.13 18.30 1.35
CA THR E 219 6.92 18.24 2.79
C THR E 219 8.01 17.45 3.55
N PRO E 220 8.45 16.28 3.02
CA PRO E 220 9.51 15.57 3.76
C PRO E 220 10.85 16.32 3.95
N LEU E 221 11.08 17.42 3.25
CA LEU E 221 12.29 18.22 3.43
C LEU E 221 12.38 19.04 4.68
N SER E 222 11.25 19.33 5.30
CA SER E 222 11.22 20.35 6.33
C SER E 222 10.01 20.19 7.18
N SER E 223 10.21 20.36 8.47
CA SER E 223 9.14 20.43 9.47
C SER E 223 8.21 21.60 9.27
N THR E 224 8.73 22.69 8.73
CA THR E 224 7.93 23.91 8.64
C THR E 224 7.86 24.39 7.20
N VAL E 225 6.89 25.25 6.93
CA VAL E 225 6.70 25.85 5.64
C VAL E 225 6.28 27.25 5.86
N THR E 226 6.63 28.10 4.92
CA THR E 226 6.36 29.51 5.02
C THR E 226 5.55 29.94 3.80
N LEU E 227 4.41 30.56 4.04
CA LEU E 227 3.58 31.06 2.95
C LEU E 227 3.71 32.56 3.00
N SER E 228 3.92 33.20 1.85
CA SER E 228 4.05 34.65 1.79
C SER E 228 3.11 35.19 0.74
N MET E 229 2.36 36.21 1.10
CA MET E 229 1.29 36.72 0.25
C MET E 229 1.24 38.23 0.22
N SER E 230 0.89 38.74 -0.95
CA SER E 230 0.34 40.09 -1.10
C SER E 230 -0.72 40.07 -2.19
N ALA E 231 -1.51 41.14 -2.22
CA ALA E 231 -2.60 41.28 -3.18
C ALA E 231 -2.07 41.17 -4.58
N ASP E 232 -2.74 40.33 -5.37
CA ASP E 232 -2.56 40.23 -6.82
C ASP E 232 -1.18 39.75 -7.27
N VAL E 233 -0.40 39.15 -6.37
CA VAL E 233 0.88 38.55 -6.75
C VAL E 233 1.02 37.07 -6.35
N PRO E 234 1.97 36.36 -7.02
CA PRO E 234 2.17 34.97 -6.70
C PRO E 234 2.35 34.71 -5.21
N LEU E 235 1.66 33.68 -4.75
CA LEU E 235 1.96 33.04 -3.49
C LEU E 235 3.39 32.48 -3.57
N VAL E 236 4.14 32.64 -2.47
CA VAL E 236 5.38 31.93 -2.28
C VAL E 236 5.21 30.90 -1.19
N VAL E 237 5.53 29.66 -1.52
CA VAL E 237 5.54 28.56 -0.58
C VAL E 237 6.95 28.02 -0.50
N GLU E 238 7.54 28.08 0.69
CA GLU E 238 8.99 27.85 0.84
C GLU E 238 9.30 26.78 1.89
N TYR E 239 10.08 25.79 1.47
CA TYR E 239 10.66 24.83 2.40
C TYR E 239 12.18 25.03 2.53
N LYS E 240 12.63 25.24 3.76
CA LYS E 240 14.04 25.26 4.08
C LYS E 240 14.59 23.87 4.03
N ILE E 241 15.74 23.76 3.37
CA ILE E 241 16.55 22.58 3.44
C ILE E 241 17.74 22.91 4.34
N ALA E 242 17.62 22.57 5.59
CA ALA E 242 18.31 23.31 6.63
C ALA E 242 19.81 23.21 6.40
N ASP E 243 20.48 24.36 6.43
CA ASP E 243 21.96 24.47 6.26
C ASP E 243 22.49 24.21 4.87
N MET E 244 21.62 24.39 3.90
CA MET E 244 21.92 24.01 2.54
C MET E 244 21.33 25.03 1.65
N GLY E 245 20.06 25.30 1.89
CA GLY E 245 19.29 26.15 1.02
C GLY E 245 17.78 25.96 1.19
N HIS E 246 17.08 25.95 0.07
CA HIS E 246 15.66 26.05 0.09
C HIS E 246 15.06 25.58 -1.21
N LEU E 247 13.81 25.17 -1.11
CA LEU E 247 12.95 24.96 -2.24
C LEU E 247 11.75 25.91 -2.11
N LYS E 248 11.53 26.71 -3.16
CA LYS E 248 10.59 27.81 -3.16
C LYS E 248 9.70 27.60 -4.34
N TYR E 249 8.39 27.67 -4.10
CA TYR E 249 7.45 27.61 -5.18
C TYR E 249 6.70 28.93 -5.22
N TYR E 250 6.43 29.41 -6.43
CA TYR E 250 5.56 30.54 -6.68
C TYR E 250 4.37 30.12 -7.51
N LEU E 251 3.18 30.59 -7.13
CA LEU E 251 1.94 30.22 -7.81
C LEU E 251 1.15 31.49 -8.10
N ALA E 252 0.92 31.75 -9.39
CA ALA E 252 0.07 32.83 -9.83
C ALA E 252 -1.31 32.67 -9.23
N PRO E 253 -1.94 33.77 -8.80
CA PRO E 253 -3.33 33.70 -8.35
C PRO E 253 -4.30 33.40 -9.47
N LYS E 254 -5.41 32.78 -9.14
CA LYS E 254 -6.49 32.50 -10.10
C LYS E 254 -7.32 33.75 -10.36
N ILE E 255 -7.76 33.93 -11.62
CA ILE E 255 -8.87 34.84 -11.96
C ILE E 255 -9.95 34.18 -12.84
N GLU E 256 -11.11 34.82 -12.89
CA GLU E 256 -12.02 34.75 -14.05
C GLU E 256 -11.28 35.00 -15.37
N GLY F 1 -7.97 32.34 -15.97
CA GLY F 1 -7.20 31.23 -15.34
C GLY F 1 -6.13 31.71 -14.39
N SER F 2 -5.13 30.84 -14.18
CA SER F 2 -3.87 31.19 -13.50
C SER F 2 -2.75 31.32 -14.54
N ASP F 3 -1.86 32.29 -14.35
CA ASP F 3 -0.70 32.46 -15.25
C ASP F 3 0.37 33.40 -14.70
N ILE F 4 1.58 32.90 -14.52
CA ILE F 4 2.60 33.63 -13.78
C ILE F 4 3.52 34.51 -14.62
N THR F 5 3.36 34.53 -15.95
CA THR F 5 4.45 35.03 -16.82
C THR F 5 4.65 36.54 -16.64
N ARG F 6 3.53 37.25 -16.54
CA ARG F 6 3.52 38.71 -16.37
C ARG F 6 4.19 39.18 -15.07
N PHE F 7 4.52 38.25 -14.18
CA PHE F 7 5.23 38.62 -12.93
C PHE F 7 6.75 38.44 -13.04
N LEU F 8 7.18 37.88 -14.17
CA LEU F 8 8.57 37.44 -14.36
C LEU F 8 9.44 38.54 -14.96
N VAL F 9 10.69 38.60 -14.51
CA VAL F 9 11.64 39.63 -14.91
C VAL F 9 13.01 39.01 -15.17
N LYS F 10 13.77 39.60 -16.10
CA LYS F 10 15.11 39.13 -16.44
C LYS F 10 16.16 39.73 -15.50
S SO4 G . 20.30 -29.03 0.35
O1 SO4 G . 20.63 -27.86 -0.49
O2 SO4 G . 18.93 -29.46 -0.01
O3 SO4 G . 20.44 -28.67 1.78
O4 SO4 G . 21.24 -30.15 0.04
S SO4 H . -1.90 -13.63 8.21
O1 SO4 H . -2.78 -14.63 7.57
O2 SO4 H . -2.66 -12.36 8.37
O3 SO4 H . -1.41 -14.08 9.54
O4 SO4 H . -0.75 -13.39 7.31
S SO4 I . -27.64 -1.62 21.90
O1 SO4 I . -26.59 -1.83 20.88
O2 SO4 I . -28.97 -1.67 21.24
O3 SO4 I . -27.44 -0.30 22.54
O4 SO4 I . -27.51 -2.69 22.92
S SO4 J . -6.04 10.59 10.41
O1 SO4 J . -7.09 9.55 10.43
O2 SO4 J . -6.64 11.87 9.93
O3 SO4 J . -4.97 10.19 9.46
O4 SO4 J . -5.46 10.78 11.76
S SO4 K . 18.12 30.29 2.66
O1 SO4 K . 16.91 30.94 2.09
O2 SO4 K . 19.31 30.69 1.86
O3 SO4 K . 18.01 28.81 2.58
O4 SO4 K . 18.27 30.69 4.08
S SO4 L . 15.42 2.63 1.08
O1 SO4 L . 15.58 2.46 -0.39
O2 SO4 L . 15.05 4.04 1.32
O3 SO4 L . 16.67 2.32 1.84
O4 SO4 L . 14.33 1.74 1.56
S SO4 M . -7.97 19.45 -8.02
O1 SO4 M . -8.24 20.59 -8.93
O2 SO4 M . -7.27 18.39 -8.79
O3 SO4 M . -9.25 18.96 -7.44
O4 SO4 M . -7.11 19.87 -6.89
#